data_1IT0
#
_entry.id   1IT0
#
_cell.length_a   79.540
_cell.length_b   95.250
_cell.length_c   141.840
_cell.angle_alpha   90.00
_cell.angle_beta   90.00
_cell.angle_gamma   90.00
#
_symmetry.space_group_name_H-M   'P 21 21 21'
#
loop_
_entity.id
_entity.type
_entity.pdbx_description
1 polymer endo-1,4-beta-D-xylanase
2 branched beta-D-galactopyranose-(1-4)-beta-D-glucopyranose
3 water water
#
_entity_poly.entity_id   1
_entity_poly.type   'polypeptide(L)'
_entity_poly.pdbx_seq_one_letter_code
;AESTLGAAAAQSGRYFGTAIASGKLGDSAYTTIASREFNMVTAENEMKIDATEPQRGQFNFSAGDRVYNWAVQNGKQVRG
HTLAWHSQQPGWMQSLSGSTLRQAMIDHINGVMGHYKGKIAQWDVVNEAFSDDGSGGRRDSNLQRTGNDWIEVAFRTARA
ADPAAKLCYNDYNIENWTWAKTQGVYNMVRDFKQRGVPIDCVGFQSHFNSGSPYNSNFRTTLQNFAALGVDVAITELDIQ
GASSSTYAAVTNDCLAVSRCLGITVWGVRDTDSWRSGDTPLLFNGDGSKKAAYTAVLNALNGGSSTPPPSGGGQIKGVGS
GRCLDVPNASTTDGTQVQLYDCHSATNQQWTYTDAGELRVYGDKCLDAAGTGNGTKVQIYSCWGGDNQKWRLNSDGSIVG
VQSGLCLDAVGGGTANGTLIQLYSCSNGSNQRWTRT
;
_entity_poly.pdbx_strand_id   A,B
#
loop_
_chem_comp.id
_chem_comp.type
_chem_comp.name
_chem_comp.formula
BGC D-saccharide, beta linking beta-D-glucopyranose 'C6 H12 O6'
GAL D-saccharide, beta linking beta-D-galactopyranose 'C6 H12 O6'
#
# COMPACT_ATOMS: atom_id res chain seq x y z
N ALA A 1 10.48 -31.10 11.77
CA ALA A 1 9.39 -30.31 11.12
C ALA A 1 9.98 -29.07 10.46
N GLU A 2 9.31 -28.57 9.43
CA GLU A 2 9.82 -27.40 8.75
C GLU A 2 8.81 -26.74 7.81
N SER A 3 7.53 -26.89 8.11
CA SER A 3 6.47 -26.28 7.31
C SER A 3 5.99 -25.01 8.00
N THR A 4 6.35 -24.87 9.27
CA THR A 4 5.96 -23.70 10.06
C THR A 4 7.22 -23.05 10.64
N LEU A 5 7.12 -21.77 11.00
CA LEU A 5 8.27 -21.03 11.55
C LEU A 5 8.76 -21.60 12.86
N GLY A 6 7.83 -21.84 13.79
CA GLY A 6 8.22 -22.38 15.08
C GLY A 6 8.99 -23.68 14.95
N ALA A 7 8.44 -24.61 14.17
CA ALA A 7 9.05 -25.91 13.95
C ALA A 7 10.40 -25.85 13.22
N ALA A 8 10.52 -24.91 12.27
CA ALA A 8 11.78 -24.78 11.54
C ALA A 8 12.84 -24.21 12.49
N ALA A 9 12.40 -23.35 13.41
CA ALA A 9 13.33 -22.77 14.38
C ALA A 9 13.75 -23.81 15.40
N ALA A 10 12.83 -24.68 15.78
CA ALA A 10 13.12 -25.72 16.76
C ALA A 10 14.21 -26.68 16.29
N GLN A 11 14.29 -26.87 14.98
CA GLN A 11 15.31 -27.76 14.39
C GLN A 11 16.71 -27.40 14.86
N SER A 12 16.95 -26.13 15.14
CA SER A 12 18.27 -25.70 15.60
C SER A 12 18.23 -25.34 17.07
N GLY A 13 17.18 -25.80 17.75
CA GLY A 13 17.04 -25.53 19.17
C GLY A 13 16.55 -24.14 19.52
N ARG A 14 16.07 -23.41 18.52
CA ARG A 14 15.58 -22.06 18.77
C ARG A 14 14.06 -22.00 18.73
N TYR A 15 13.52 -20.80 18.90
CA TYR A 15 12.07 -20.62 18.87
C TYR A 15 11.74 -19.47 17.94
N PHE A 16 10.47 -19.38 17.56
CA PHE A 16 9.99 -18.29 16.73
C PHE A 16 8.64 -17.90 17.33
N GLY A 17 8.59 -16.73 17.97
CA GLY A 17 7.36 -16.30 18.60
C GLY A 17 6.73 -15.04 18.05
N THR A 18 5.67 -14.61 18.72
CA THR A 18 4.96 -13.42 18.31
C THR A 18 4.39 -12.74 19.54
N ALA A 19 3.84 -11.55 19.33
CA ALA A 19 3.21 -10.82 20.43
C ALA A 19 1.73 -11.14 20.29
N ILE A 20 1.09 -11.47 21.41
CA ILE A 20 -0.32 -11.80 21.42
C ILE A 20 -1.11 -10.75 22.19
N ALA A 21 -2.24 -10.34 21.63
CA ALA A 21 -3.11 -9.38 22.29
C ALA A 21 -4.36 -10.16 22.68
N SER A 22 -4.66 -10.18 23.97
CA SER A 22 -5.82 -10.93 24.46
C SER A 22 -7.10 -10.50 23.74
N GLY A 23 -7.16 -9.24 23.34
CA GLY A 23 -8.34 -8.75 22.66
C GLY A 23 -8.65 -9.44 21.35
N LYS A 24 -7.65 -10.05 20.72
CA LYS A 24 -7.85 -10.72 19.44
C LYS A 24 -8.01 -12.24 19.55
N LEU A 25 -7.91 -12.77 20.76
CA LEU A 25 -8.03 -14.21 20.94
C LEU A 25 -9.40 -14.76 20.56
N GLY A 26 -10.31 -13.85 20.19
CA GLY A 26 -11.63 -14.26 19.78
C GLY A 26 -11.70 -14.37 18.26
N ASP A 27 -10.76 -13.71 17.60
CA ASP A 27 -10.69 -13.73 16.15
C ASP A 27 -10.13 -15.09 15.69
N SER A 28 -10.98 -15.89 15.04
CA SER A 28 -10.57 -17.21 14.57
C SER A 28 -9.41 -17.21 13.59
N ALA A 29 -9.35 -16.22 12.70
CA ALA A 29 -8.28 -16.13 11.72
C ALA A 29 -6.97 -15.82 12.44
N TYR A 30 -7.05 -15.01 13.47
CA TYR A 30 -5.87 -14.62 14.25
C TYR A 30 -5.26 -15.84 14.93
N THR A 31 -6.06 -16.52 15.76
CA THR A 31 -5.58 -17.69 16.50
C THR A 31 -5.15 -18.87 15.64
N THR A 32 -5.78 -19.05 14.49
CA THR A 32 -5.42 -20.14 13.60
C THR A 32 -3.95 -20.01 13.19
N ILE A 33 -3.56 -18.79 12.83
CA ILE A 33 -2.19 -18.52 12.43
C ILE A 33 -1.24 -18.59 13.62
N ALA A 34 -1.60 -17.89 14.69
CA ALA A 34 -0.77 -17.85 15.90
C ALA A 34 -0.51 -19.22 16.55
N SER A 35 -1.53 -20.06 16.64
CA SER A 35 -1.34 -21.37 17.27
C SER A 35 -0.49 -22.30 16.41
N ARG A 36 -0.58 -22.14 15.10
CA ARG A 36 0.16 -22.96 14.14
C ARG A 36 1.62 -22.58 13.87
N GLU A 37 1.87 -21.29 13.72
CA GLU A 37 3.19 -20.79 13.36
C GLU A 37 4.22 -20.51 14.45
N PHE A 38 3.76 -20.17 15.65
CA PHE A 38 4.69 -19.81 16.72
C PHE A 38 4.73 -20.74 17.92
N ASN A 39 5.91 -20.84 18.53
CA ASN A 39 6.09 -21.66 19.72
C ASN A 39 6.60 -20.85 20.90
N MET A 40 6.49 -19.53 20.79
CA MET A 40 6.88 -18.59 21.85
C MET A 40 5.89 -17.43 21.81
N VAL A 41 5.48 -16.95 22.98
CA VAL A 41 4.51 -15.88 23.07
C VAL A 41 4.86 -14.78 24.07
N THR A 42 4.60 -13.54 23.68
CA THR A 42 4.83 -12.38 24.53
C THR A 42 3.49 -11.65 24.60
N ALA A 43 3.06 -11.28 25.81
CA ALA A 43 1.80 -10.55 25.95
C ALA A 43 2.11 -9.13 25.50
N GLU A 44 1.40 -8.66 24.48
CA GLU A 44 1.64 -7.32 23.96
C GLU A 44 1.48 -6.20 24.98
N ASN A 45 0.48 -6.31 25.86
CA ASN A 45 0.22 -5.27 26.86
C ASN A 45 -0.21 -5.80 28.24
N GLU A 46 -0.85 -6.96 28.23
CA GLU A 46 -1.39 -7.59 29.43
C GLU A 46 -0.50 -7.78 30.67
N MET A 47 0.83 -7.79 30.49
CA MET A 47 1.70 -7.98 31.65
C MET A 47 2.50 -6.73 32.02
N LYS A 48 2.10 -5.59 31.46
CA LYS A 48 2.77 -4.33 31.77
C LYS A 48 2.39 -3.90 33.19
N ILE A 49 3.06 -2.87 33.69
CA ILE A 49 2.81 -2.39 35.05
C ILE A 49 1.39 -1.91 35.33
N ASP A 50 0.87 -1.07 34.44
CA ASP A 50 -0.47 -0.54 34.60
C ASP A 50 -1.56 -1.61 34.47
N ALA A 51 -1.23 -2.71 33.80
CA ALA A 51 -2.20 -3.79 33.61
C ALA A 51 -2.21 -4.83 34.72
N THR A 52 -1.08 -4.98 35.43
CA THR A 52 -0.99 -5.96 36.49
C THR A 52 -1.16 -5.41 37.90
N GLU A 53 -1.05 -4.09 38.03
CA GLU A 53 -1.20 -3.45 39.33
C GLU A 53 -1.81 -2.07 39.13
N PRO A 54 -3.10 -2.01 38.74
CA PRO A 54 -3.85 -0.78 38.49
C PRO A 54 -3.82 0.17 39.69
N GLN A 55 -3.95 -0.41 40.87
CA GLN A 55 -3.93 0.35 42.11
C GLN A 55 -2.81 -0.20 42.98
N ARG A 56 -2.08 0.69 43.62
CA ARG A 56 -0.96 0.32 44.49
C ARG A 56 -1.28 -0.87 45.40
N GLY A 57 -0.57 -1.97 45.23
CA GLY A 57 -0.78 -3.15 46.05
C GLY A 57 -1.95 -4.02 45.64
N GLN A 58 -2.72 -3.58 44.65
CA GLN A 58 -3.87 -4.34 44.17
C GLN A 58 -3.57 -4.96 42.80
N PHE A 59 -3.14 -6.22 42.82
CA PHE A 59 -2.78 -6.93 41.59
C PHE A 59 -3.96 -7.55 40.84
N ASN A 60 -3.92 -7.44 39.53
CA ASN A 60 -4.97 -8.00 38.68
C ASN A 60 -4.28 -8.76 37.53
N PHE A 61 -4.47 -10.07 37.48
CA PHE A 61 -3.84 -10.89 36.46
C PHE A 61 -4.79 -11.47 35.42
N SER A 62 -6.01 -10.95 35.35
CA SER A 62 -7.00 -11.43 34.42
C SER A 62 -6.54 -11.49 32.97
N ALA A 63 -6.09 -10.36 32.43
CA ALA A 63 -5.65 -10.32 31.04
C ALA A 63 -4.35 -11.10 30.84
N GLY A 64 -3.42 -10.95 31.77
CA GLY A 64 -2.15 -11.65 31.68
C GLY A 64 -2.29 -13.17 31.68
N ASP A 65 -3.14 -13.68 32.55
CA ASP A 65 -3.37 -15.11 32.66
C ASP A 65 -4.11 -15.65 31.45
N ARG A 66 -4.94 -14.83 30.82
CA ARG A 66 -5.68 -15.29 29.65
C ARG A 66 -4.67 -15.58 28.53
N VAL A 67 -3.65 -14.75 28.42
CA VAL A 67 -2.63 -14.91 27.40
C VAL A 67 -1.69 -16.06 27.78
N TYR A 68 -1.33 -16.14 29.06
CA TYR A 68 -0.45 -17.20 29.53
C TYR A 68 -1.07 -18.57 29.31
N ASN A 69 -2.34 -18.70 29.68
CA ASN A 69 -3.05 -19.96 29.53
C ASN A 69 -3.18 -20.37 28.07
N TRP A 70 -3.52 -19.41 27.21
CA TRP A 70 -3.66 -19.72 25.79
C TRP A 70 -2.32 -20.22 25.25
N ALA A 71 -1.25 -19.54 25.63
CA ALA A 71 0.08 -19.91 25.17
C ALA A 71 0.44 -21.35 25.54
N VAL A 72 0.41 -21.65 26.83
CA VAL A 72 0.75 -22.99 27.31
C VAL A 72 -0.12 -24.10 26.72
N GLN A 73 -1.43 -23.86 26.66
CA GLN A 73 -2.37 -24.84 26.11
C GLN A 73 -2.15 -25.10 24.63
N ASN A 74 -1.44 -24.19 23.96
CA ASN A 74 -1.18 -24.33 22.53
C ASN A 74 0.29 -24.63 22.20
N GLY A 75 1.04 -25.05 23.22
CA GLY A 75 2.42 -25.41 23.02
C GLY A 75 3.48 -24.33 22.94
N LYS A 76 3.22 -23.16 23.50
CA LYS A 76 4.23 -22.10 23.45
C LYS A 76 4.72 -21.69 24.83
N GLN A 77 5.99 -21.32 24.89
CA GLN A 77 6.57 -20.82 26.13
C GLN A 77 6.19 -19.34 26.16
N VAL A 78 6.50 -18.65 27.24
CA VAL A 78 6.15 -17.24 27.35
C VAL A 78 7.29 -16.34 27.84
N ARG A 79 7.38 -15.14 27.26
CA ARG A 79 8.36 -14.15 27.67
C ARG A 79 7.57 -13.16 28.49
N GLY A 80 8.05 -12.83 29.69
CA GLY A 80 7.36 -11.88 30.54
C GLY A 80 7.74 -10.47 30.12
N HIS A 81 6.75 -9.62 29.88
CA HIS A 81 7.00 -8.25 29.43
C HIS A 81 5.94 -7.30 30.02
N THR A 82 6.33 -6.36 30.89
CA THR A 82 7.70 -6.13 31.38
C THR A 82 7.54 -5.64 32.83
N LEU A 83 8.59 -5.76 33.65
CA LEU A 83 8.51 -5.39 35.06
C LEU A 83 8.84 -3.96 35.51
N ALA A 84 9.91 -3.37 34.98
CA ALA A 84 10.30 -2.02 35.36
C ALA A 84 10.48 -1.20 34.10
N TRP A 85 9.70 -0.14 33.96
CA TRP A 85 9.74 0.67 32.76
C TRP A 85 9.19 2.08 33.03
N HIS A 86 9.79 3.08 32.39
CA HIS A 86 9.39 4.46 32.56
C HIS A 86 8.07 4.77 31.86
N SER A 87 7.66 3.90 30.94
CA SER A 87 6.44 4.13 30.19
C SER A 87 5.26 3.28 30.63
N GLN A 88 4.07 3.82 30.41
CA GLN A 88 2.82 3.16 30.76
C GLN A 88 2.71 2.80 32.25
N GLN A 89 3.21 3.66 33.12
CA GLN A 89 3.13 3.39 34.55
C GLN A 89 1.73 3.77 35.03
N PRO A 90 1.23 3.11 36.09
CA PRO A 90 -0.10 3.44 36.59
C PRO A 90 -0.10 4.89 37.08
N GLY A 91 -1.29 5.46 37.26
CA GLY A 91 -1.37 6.83 37.74
C GLY A 91 -0.66 7.02 39.07
N TRP A 92 -0.91 6.12 40.01
CA TRP A 92 -0.31 6.21 41.33
C TRP A 92 1.23 6.12 41.34
N MET A 93 1.79 5.25 40.50
CA MET A 93 3.24 5.10 40.44
C MET A 93 3.93 6.35 39.92
N GLN A 94 3.27 7.07 39.01
CA GLN A 94 3.85 8.28 38.46
C GLN A 94 3.99 9.33 39.56
N SER A 95 3.09 9.29 40.53
CA SER A 95 3.11 10.23 41.65
C SER A 95 3.93 9.68 42.81
N LEU A 96 5.16 9.25 42.52
CA LEU A 96 6.05 8.72 43.55
C LEU A 96 7.49 9.05 43.22
N SER A 97 8.34 9.02 44.24
CA SER A 97 9.76 9.32 44.07
C SER A 97 10.57 8.75 45.23
N GLY A 98 11.89 8.93 45.15
CA GLY A 98 12.76 8.44 46.20
C GLY A 98 12.54 7.00 46.59
N SER A 99 13.03 6.64 47.78
CA SER A 99 12.91 5.28 48.29
C SER A 99 11.48 4.76 48.22
N THR A 100 10.51 5.66 48.17
CA THR A 100 9.11 5.24 48.08
C THR A 100 8.89 4.53 46.75
N LEU A 101 9.36 5.14 45.67
CA LEU A 101 9.22 4.56 44.34
C LEU A 101 10.07 3.30 44.26
N ARG A 102 11.31 3.39 44.73
CA ARG A 102 12.22 2.25 44.72
C ARG A 102 11.58 1.06 45.41
N GLN A 103 10.75 1.34 46.40
CA GLN A 103 10.06 0.29 47.14
C GLN A 103 8.89 -0.25 46.33
N ALA A 104 8.14 0.63 45.69
CA ALA A 104 6.99 0.22 44.89
C ALA A 104 7.49 -0.71 43.78
N MET A 105 8.59 -0.33 43.13
CA MET A 105 9.19 -1.13 42.07
C MET A 105 9.44 -2.55 42.60
N ILE A 106 10.10 -2.63 43.74
CA ILE A 106 10.42 -3.91 44.37
C ILE A 106 9.16 -4.73 44.66
N ASP A 107 8.12 -4.08 45.18
CA ASP A 107 6.88 -4.77 45.49
C ASP A 107 6.22 -5.27 44.21
N HIS A 108 6.24 -4.46 43.17
CA HIS A 108 5.63 -4.84 41.90
C HIS A 108 6.33 -6.08 41.33
N ILE A 109 7.65 -6.06 41.34
CA ILE A 109 8.44 -7.17 40.82
C ILE A 109 8.14 -8.46 41.59
N ASN A 110 8.04 -8.37 42.91
CA ASN A 110 7.75 -9.56 43.71
C ASN A 110 6.32 -10.03 43.51
N GLY A 111 5.41 -9.08 43.32
CA GLY A 111 4.02 -9.43 43.12
C GLY A 111 3.78 -10.15 41.81
N VAL A 112 4.23 -9.55 40.71
CA VAL A 112 4.05 -10.15 39.39
C VAL A 112 4.80 -11.47 39.25
N MET A 113 6.10 -11.47 39.55
CA MET A 113 6.89 -12.69 39.43
C MET A 113 6.42 -13.79 40.38
N GLY A 114 5.92 -13.42 41.55
CA GLY A 114 5.45 -14.42 42.49
C GLY A 114 4.28 -15.17 41.89
N HIS A 115 3.36 -14.44 41.27
CA HIS A 115 2.19 -15.02 40.65
C HIS A 115 2.54 -16.01 39.53
N TYR A 116 3.53 -15.65 38.72
CA TYR A 116 3.97 -16.49 37.61
C TYR A 116 5.23 -17.29 37.87
N LYS A 117 5.62 -17.42 39.14
CA LYS A 117 6.84 -18.15 39.48
C LYS A 117 6.99 -19.50 38.80
N GLY A 118 8.16 -19.73 38.21
CA GLY A 118 8.44 -20.98 37.53
C GLY A 118 7.67 -21.24 36.26
N LYS A 119 6.85 -20.28 35.82
CA LYS A 119 6.05 -20.46 34.61
C LYS A 119 6.52 -19.63 33.42
N ILE A 120 7.43 -18.68 33.65
CA ILE A 120 7.93 -17.80 32.59
C ILE A 120 9.37 -18.13 32.20
N ALA A 121 9.60 -18.35 30.91
CA ALA A 121 10.95 -18.68 30.41
C ALA A 121 11.91 -17.50 30.49
N GLN A 122 11.44 -16.32 30.12
CA GLN A 122 12.27 -15.12 30.13
C GLN A 122 11.46 -13.93 30.62
N TRP A 123 12.09 -13.04 31.35
CA TRP A 123 11.43 -11.83 31.83
C TRP A 123 12.21 -10.61 31.36
N ASP A 124 11.50 -9.61 30.83
CA ASP A 124 12.16 -8.37 30.45
C ASP A 124 12.05 -7.60 31.77
N VAL A 125 13.05 -7.77 32.63
CA VAL A 125 13.05 -7.13 33.93
C VAL A 125 13.03 -5.61 33.80
N VAL A 126 14.00 -5.06 33.07
CA VAL A 126 14.06 -3.63 32.86
C VAL A 126 13.93 -3.33 31.36
N ASN A 127 13.11 -2.34 31.03
CA ASN A 127 12.84 -1.98 29.64
C ASN A 127 13.21 -0.54 29.30
N GLU A 128 13.86 -0.36 28.16
CA GLU A 128 14.25 0.95 27.64
C GLU A 128 14.79 1.94 28.67
N ALA A 129 15.92 1.60 29.27
CA ALA A 129 16.53 2.45 30.29
C ALA A 129 17.52 3.49 29.74
N PHE A 130 17.93 3.36 28.49
CA PHE A 130 18.88 4.30 27.93
C PHE A 130 18.29 5.36 27.01
N SER A 131 19.00 6.48 26.91
CA SER A 131 18.57 7.61 26.12
C SER A 131 18.83 7.49 24.61
N ASP A 132 18.06 8.25 23.84
CA ASP A 132 18.20 8.27 22.38
C ASP A 132 18.88 9.55 21.93
N ASP A 133 19.18 10.44 22.88
CA ASP A 133 19.81 11.71 22.55
C ASP A 133 21.17 11.57 21.86
N GLY A 134 21.84 10.43 22.05
CA GLY A 134 23.12 10.22 21.44
C GLY A 134 24.30 10.25 22.39
N SER A 135 24.00 10.28 23.68
CA SER A 135 25.05 10.31 24.70
C SER A 135 25.48 8.92 25.15
N GLY A 136 24.53 7.98 25.21
CA GLY A 136 24.84 6.64 25.64
C GLY A 136 24.65 6.48 27.14
N GLY A 137 23.81 7.33 27.71
CA GLY A 137 23.57 7.28 29.14
C GLY A 137 22.12 6.97 29.48
N ARG A 138 21.84 6.79 30.76
CA ARG A 138 20.49 6.48 31.24
C ARG A 138 19.54 7.59 30.84
N ARG A 139 18.27 7.25 30.66
CA ARG A 139 17.31 8.29 30.31
C ARG A 139 16.74 8.82 31.61
N ASP A 140 16.37 10.10 31.61
CA ASP A 140 15.83 10.72 32.81
C ASP A 140 14.39 10.27 33.04
N SER A 141 14.20 9.50 34.11
CA SER A 141 12.87 9.01 34.47
C SER A 141 12.76 8.99 35.98
N ASN A 142 11.53 8.81 36.46
CA ASN A 142 11.31 8.77 37.91
C ASN A 142 12.09 7.61 38.53
N LEU A 143 12.31 6.56 37.76
CA LEU A 143 13.05 5.39 38.23
C LEU A 143 14.54 5.68 38.33
N GLN A 144 15.06 6.34 37.30
CA GLN A 144 16.48 6.70 37.25
C GLN A 144 16.80 7.69 38.36
N ARG A 145 15.85 8.56 38.65
CA ARG A 145 16.05 9.58 39.69
C ARG A 145 15.96 9.06 41.11
N THR A 146 15.77 7.75 41.28
CA THR A 146 15.70 7.18 42.62
C THR A 146 17.07 6.60 42.98
N GLY A 147 17.96 6.56 42.00
CA GLY A 147 19.29 6.03 42.21
C GLY A 147 19.74 5.27 40.98
N ASN A 148 20.93 5.62 40.48
CA ASN A 148 21.48 4.98 39.29
C ASN A 148 21.57 3.46 39.41
N ASP A 149 21.57 2.96 40.63
CA ASP A 149 21.67 1.53 40.89
C ASP A 149 20.32 0.81 40.85
N TRP A 150 19.27 1.50 40.42
CA TRP A 150 17.95 0.87 40.38
C TRP A 150 17.87 -0.36 39.47
N ILE A 151 18.54 -0.31 38.33
CA ILE A 151 18.52 -1.44 37.41
C ILE A 151 19.10 -2.66 38.09
N GLU A 152 20.27 -2.50 38.71
CA GLU A 152 20.93 -3.59 39.41
C GLU A 152 19.98 -4.17 40.46
N VAL A 153 19.30 -3.29 41.20
CA VAL A 153 18.37 -3.72 42.24
C VAL A 153 17.21 -4.53 41.66
N ALA A 154 16.68 -4.07 40.53
CA ALA A 154 15.58 -4.78 39.88
C ALA A 154 15.99 -6.21 39.58
N PHE A 155 17.17 -6.39 39.00
CA PHE A 155 17.67 -7.72 38.67
C PHE A 155 17.92 -8.61 39.89
N ARG A 156 18.47 -8.02 40.96
CA ARG A 156 18.73 -8.80 42.17
C ARG A 156 17.39 -9.24 42.76
N THR A 157 16.41 -8.35 42.69
CA THR A 157 15.08 -8.64 43.21
C THR A 157 14.46 -9.77 42.40
N ALA A 158 14.50 -9.62 41.07
CA ALA A 158 13.94 -10.62 40.17
C ALA A 158 14.55 -12.00 40.38
N ARG A 159 15.87 -12.05 40.50
CA ARG A 159 16.56 -13.34 40.71
C ARG A 159 16.03 -14.04 41.95
N ALA A 160 15.82 -13.27 43.01
CA ALA A 160 15.33 -13.83 44.28
C ALA A 160 13.88 -14.29 44.19
N ALA A 161 13.06 -13.57 43.43
CA ALA A 161 11.66 -13.91 43.28
C ALA A 161 11.43 -15.20 42.50
N ASP A 162 12.25 -15.44 41.48
CA ASP A 162 12.11 -16.64 40.65
C ASP A 162 13.44 -16.94 39.96
N PRO A 163 14.28 -17.77 40.60
CA PRO A 163 15.58 -18.13 40.02
C PRO A 163 15.51 -19.03 38.80
N ALA A 164 14.30 -19.45 38.43
CA ALA A 164 14.14 -20.33 37.28
C ALA A 164 14.06 -19.57 35.96
N ALA A 165 13.60 -18.33 36.00
CA ALA A 165 13.46 -17.52 34.80
C ALA A 165 14.72 -16.76 34.39
N LYS A 166 14.96 -16.69 33.08
CA LYS A 166 16.11 -15.97 32.55
C LYS A 166 15.74 -14.49 32.64
N LEU A 167 16.64 -13.69 33.19
CA LEU A 167 16.39 -12.26 33.34
C LEU A 167 17.07 -11.45 32.24
N CYS A 168 16.26 -10.74 31.46
CA CYS A 168 16.77 -9.93 30.35
C CYS A 168 16.63 -8.43 30.52
N TYR A 169 17.51 -7.70 29.83
CA TYR A 169 17.46 -6.25 29.77
C TYR A 169 16.97 -6.06 28.32
N ASN A 170 15.93 -5.27 28.11
CA ASN A 170 15.36 -5.07 26.77
C ASN A 170 15.45 -3.62 26.32
N ASP A 171 15.74 -3.40 25.04
CA ASP A 171 15.85 -2.04 24.52
C ASP A 171 15.85 -2.00 22.99
N TYR A 172 15.62 -0.81 22.43
CA TYR A 172 15.62 -0.60 21.00
C TYR A 172 16.75 0.33 20.60
N ASN A 173 17.05 0.36 19.30
CA ASN A 173 18.13 1.21 18.80
C ASN A 173 19.47 0.88 19.45
N ILE A 174 19.71 -0.41 19.68
CA ILE A 174 20.96 -0.90 20.23
C ILE A 174 21.43 -2.06 19.36
N GLU A 175 20.91 -2.11 18.13
CA GLU A 175 21.27 -3.17 17.19
C GLU A 175 22.53 -2.83 16.39
N ASN A 176 22.69 -1.56 16.05
CA ASN A 176 23.86 -1.11 15.29
C ASN A 176 25.01 -0.94 16.28
N TRP A 177 26.08 -1.71 16.09
CA TRP A 177 27.23 -1.65 16.99
C TRP A 177 27.87 -0.29 17.15
N THR A 178 27.84 0.53 16.10
CA THR A 178 28.47 1.86 16.17
C THR A 178 27.69 2.94 16.92
N TRP A 179 26.41 2.70 17.22
CA TRP A 179 25.62 3.71 17.94
C TRP A 179 26.03 3.84 19.40
N ALA A 180 26.00 5.07 19.91
CA ALA A 180 26.39 5.33 21.29
C ALA A 180 25.51 4.60 22.31
N LYS A 181 24.22 4.47 22.00
CA LYS A 181 23.31 3.78 22.91
C LYS A 181 23.73 2.33 23.07
N THR A 182 24.05 1.70 21.94
CA THR A 182 24.49 0.31 21.92
C THR A 182 25.70 0.15 22.85
N GLN A 183 26.62 1.09 22.77
CA GLN A 183 27.83 1.07 23.60
C GLN A 183 27.48 1.27 25.08
N GLY A 184 26.50 2.13 25.33
CA GLY A 184 26.09 2.37 26.70
C GLY A 184 25.59 1.07 27.31
N VAL A 185 24.68 0.41 26.61
CA VAL A 185 24.12 -0.85 27.09
C VAL A 185 25.20 -1.91 27.26
N TYR A 186 26.10 -2.00 26.28
CA TYR A 186 27.18 -2.97 26.31
C TYR A 186 28.01 -2.80 27.59
N ASN A 187 28.46 -1.57 27.85
CA ASN A 187 29.26 -1.31 29.05
C ASN A 187 28.55 -1.67 30.34
N MET A 188 27.24 -1.49 30.38
CA MET A 188 26.49 -1.82 31.58
C MET A 188 26.47 -3.33 31.83
N VAL A 189 26.17 -4.10 30.80
CA VAL A 189 26.12 -5.55 30.92
C VAL A 189 27.52 -6.08 31.24
N ARG A 190 28.52 -5.40 30.67
CA ARG A 190 29.91 -5.76 30.88
C ARG A 190 30.22 -5.59 32.36
N ASP A 191 29.87 -4.43 32.89
CA ASP A 191 30.07 -4.12 34.30
C ASP A 191 29.34 -5.15 35.14
N PHE A 192 28.05 -5.31 34.87
CA PHE A 192 27.22 -6.27 35.58
C PHE A 192 27.82 -7.66 35.69
N LYS A 193 28.33 -8.19 34.59
CA LYS A 193 28.93 -9.52 34.61
C LYS A 193 30.12 -9.59 35.54
N GLN A 194 30.94 -8.54 35.54
CA GLN A 194 32.12 -8.50 36.40
C GLN A 194 31.80 -8.37 37.88
N ARG A 195 30.75 -7.60 38.20
CA ARG A 195 30.36 -7.40 39.59
C ARG A 195 29.39 -8.46 40.08
N GLY A 196 29.13 -9.46 39.25
CA GLY A 196 28.23 -10.53 39.61
C GLY A 196 26.74 -10.20 39.65
N VAL A 197 26.33 -9.13 38.98
CA VAL A 197 24.91 -8.78 38.94
C VAL A 197 24.21 -9.83 38.11
N PRO A 198 23.12 -10.41 38.62
CA PRO A 198 22.35 -11.44 37.92
C PRO A 198 21.57 -11.02 36.68
N ILE A 199 22.19 -11.12 35.52
CA ILE A 199 21.54 -10.79 34.26
C ILE A 199 21.88 -11.95 33.32
N ASP A 200 20.86 -12.54 32.72
CA ASP A 200 21.06 -13.70 31.85
C ASP A 200 20.98 -13.42 30.35
N CYS A 201 20.22 -12.41 29.97
CA CYS A 201 20.04 -12.10 28.56
C CYS A 201 19.85 -10.62 28.24
N VAL A 202 20.06 -10.30 26.97
CA VAL A 202 19.88 -8.96 26.47
C VAL A 202 18.91 -9.07 25.30
N GLY A 203 17.82 -8.33 25.36
CA GLY A 203 16.85 -8.38 24.30
C GLY A 203 17.00 -7.20 23.35
N PHE A 204 17.08 -7.50 22.06
CA PHE A 204 17.20 -6.46 21.05
C PHE A 204 15.84 -6.38 20.37
N GLN A 205 15.09 -5.32 20.66
CA GLN A 205 13.75 -5.17 20.08
C GLN A 205 13.76 -5.31 18.56
N SER A 206 14.76 -4.74 17.91
CA SER A 206 14.88 -4.84 16.45
C SER A 206 13.72 -4.22 15.68
N HIS A 207 13.38 -2.98 16.01
CA HIS A 207 12.34 -2.27 15.30
C HIS A 207 13.08 -1.52 14.20
N PHE A 208 13.12 -2.12 13.00
CA PHE A 208 13.82 -1.51 11.88
C PHE A 208 12.92 -0.75 10.90
N ASN A 209 13.37 0.44 10.50
CA ASN A 209 12.67 1.31 9.55
C ASN A 209 13.73 2.23 8.92
N SER A 210 13.34 3.05 7.95
CA SER A 210 14.34 3.90 7.31
C SER A 210 15.02 4.89 8.26
N GLY A 211 14.42 5.10 9.43
CA GLY A 211 15.01 5.99 10.42
C GLY A 211 16.08 5.30 11.24
N SER A 212 15.95 3.99 11.40
CA SER A 212 16.91 3.16 12.13
C SER A 212 16.92 1.84 11.37
N PRO A 213 17.56 1.82 10.20
CA PRO A 213 17.65 0.64 9.34
C PRO A 213 18.53 -0.49 9.83
N TYR A 214 18.26 -1.69 9.31
CA TYR A 214 19.05 -2.85 9.66
C TYR A 214 20.43 -2.63 9.06
N ASN A 215 21.46 -3.05 9.79
CA ASN A 215 22.82 -2.95 9.32
C ASN A 215 23.43 -4.31 9.60
N SER A 216 24.23 -4.80 8.67
CA SER A 216 24.86 -6.11 8.82
C SER A 216 25.67 -6.26 10.08
N ASN A 217 26.16 -5.15 10.65
CA ASN A 217 26.96 -5.26 11.86
C ASN A 217 26.11 -5.67 13.06
N PHE A 218 24.83 -5.94 12.81
CA PHE A 218 23.93 -6.37 13.88
C PHE A 218 24.45 -7.71 14.40
N ARG A 219 24.96 -8.54 13.49
CA ARG A 219 25.51 -9.83 13.87
C ARG A 219 26.69 -9.63 14.83
N THR A 220 27.52 -8.63 14.56
CA THR A 220 28.67 -8.33 15.41
C THR A 220 28.23 -7.92 16.82
N THR A 221 27.15 -7.14 16.89
CA THR A 221 26.62 -6.70 18.17
C THR A 221 26.18 -7.93 18.97
N LEU A 222 25.47 -8.84 18.31
CA LEU A 222 24.98 -10.06 18.95
C LEU A 222 26.14 -10.91 19.45
N GLN A 223 27.16 -11.04 18.61
CA GLN A 223 28.34 -11.83 18.97
C GLN A 223 29.10 -11.19 20.13
N ASN A 224 29.26 -9.87 20.10
CA ASN A 224 29.97 -9.18 21.18
C ASN A 224 29.26 -9.35 22.53
N PHE A 225 27.94 -9.26 22.53
CA PHE A 225 27.18 -9.43 23.77
C PHE A 225 27.25 -10.87 24.24
N ALA A 226 27.08 -11.80 23.30
CA ALA A 226 27.13 -13.23 23.64
C ALA A 226 28.47 -13.58 24.26
N ALA A 227 29.52 -12.89 23.82
CA ALA A 227 30.87 -13.15 24.31
C ALA A 227 31.03 -12.74 25.79
N LEU A 228 30.11 -11.91 26.29
CA LEU A 228 30.16 -11.48 27.68
C LEU A 228 29.62 -12.54 28.62
N GLY A 229 29.00 -13.56 28.05
CA GLY A 229 28.44 -14.63 28.87
C GLY A 229 26.92 -14.54 29.04
N VAL A 230 26.27 -13.77 28.18
CA VAL A 230 24.81 -13.63 28.26
C VAL A 230 24.17 -14.13 26.97
N ASP A 231 22.91 -14.56 27.06
CA ASP A 231 22.20 -15.02 25.88
C ASP A 231 21.62 -13.77 25.24
N VAL A 232 21.30 -13.85 23.95
CA VAL A 232 20.72 -12.71 23.26
C VAL A 232 19.43 -13.16 22.58
N ALA A 233 18.47 -12.23 22.46
CA ALA A 233 17.21 -12.57 21.82
C ALA A 233 16.63 -11.40 21.04
N ILE A 234 16.01 -11.70 19.90
CA ILE A 234 15.38 -10.67 19.10
C ILE A 234 13.95 -10.70 19.63
N THR A 235 13.59 -9.66 20.38
CA THR A 235 12.30 -9.57 21.05
C THR A 235 11.07 -8.95 20.42
N GLU A 236 11.23 -7.92 19.59
CA GLU A 236 10.07 -7.26 18.99
C GLU A 236 10.28 -6.93 17.52
N LEU A 237 10.81 -7.89 16.77
CA LEU A 237 11.10 -7.69 15.35
C LEU A 237 9.96 -7.28 14.42
N ASP A 238 10.22 -6.20 13.68
CA ASP A 238 9.33 -5.71 12.63
C ASP A 238 10.18 -4.84 11.71
N ILE A 239 9.94 -4.96 10.41
CA ILE A 239 10.70 -4.22 9.43
C ILE A 239 9.79 -3.44 8.49
N GLN A 240 9.98 -2.13 8.46
CA GLN A 240 9.19 -1.27 7.60
C GLN A 240 9.32 -1.75 6.16
N GLY A 241 8.21 -2.14 5.55
CA GLY A 241 8.26 -2.61 4.19
C GLY A 241 8.39 -4.13 4.12
N ALA A 242 8.79 -4.74 5.23
CA ALA A 242 8.94 -6.19 5.31
C ALA A 242 9.79 -6.78 4.19
N SER A 243 10.95 -6.16 3.96
CA SER A 243 11.87 -6.63 2.92
C SER A 243 12.24 -8.09 3.15
N SER A 244 12.14 -8.91 2.11
CA SER A 244 12.47 -10.33 2.22
C SER A 244 13.94 -10.54 2.57
N SER A 245 14.82 -9.76 1.97
CA SER A 245 16.26 -9.87 2.22
C SER A 245 16.62 -9.52 3.65
N THR A 246 16.05 -8.42 4.14
CA THR A 246 16.30 -7.97 5.49
C THR A 246 15.80 -8.98 6.51
N TYR A 247 14.59 -9.50 6.30
CA TYR A 247 14.04 -10.48 7.21
C TYR A 247 14.92 -11.73 7.24
N ALA A 248 15.44 -12.11 6.08
CA ALA A 248 16.32 -13.28 5.99
C ALA A 248 17.65 -13.02 6.67
N ALA A 249 18.18 -11.81 6.46
CA ALA A 249 19.46 -11.43 7.04
C ALA A 249 19.42 -11.49 8.58
N VAL A 250 18.35 -10.94 9.15
CA VAL A 250 18.18 -10.93 10.60
C VAL A 250 18.11 -12.35 11.16
N THR A 251 17.39 -13.22 10.46
CA THR A 251 17.24 -14.60 10.86
C THR A 251 18.60 -15.28 10.83
N ASN A 252 19.33 -15.10 9.73
CA ASN A 252 20.65 -15.71 9.60
C ASN A 252 21.62 -15.20 10.67
N ASP A 253 21.48 -13.94 11.06
CA ASP A 253 22.35 -13.40 12.10
C ASP A 253 22.15 -14.16 13.41
N CYS A 254 20.90 -14.45 13.75
CA CYS A 254 20.59 -15.16 14.98
C CYS A 254 21.10 -16.59 14.88
N LEU A 255 20.89 -17.22 13.73
CA LEU A 255 21.34 -18.59 13.49
C LEU A 255 22.86 -18.71 13.56
N ALA A 256 23.55 -17.63 13.24
CA ALA A 256 25.02 -17.62 13.25
C ALA A 256 25.59 -17.42 14.66
N VAL A 257 24.73 -17.13 15.63
CA VAL A 257 25.17 -16.93 17.01
C VAL A 257 24.57 -18.00 17.90
N SER A 258 25.40 -18.91 18.41
CA SER A 258 24.92 -20.00 19.24
C SER A 258 24.14 -19.55 20.46
N ARG A 259 24.45 -18.35 20.97
CA ARG A 259 23.76 -17.83 22.15
C ARG A 259 22.44 -17.13 21.82
N CYS A 260 22.11 -17.04 20.53
CA CYS A 260 20.85 -16.41 20.13
C CYS A 260 19.73 -17.41 20.29
N LEU A 261 18.94 -17.22 21.35
CA LEU A 261 17.84 -18.13 21.68
C LEU A 261 16.69 -18.22 20.71
N GLY A 262 16.37 -17.11 20.03
CA GLY A 262 15.28 -17.14 19.10
C GLY A 262 14.80 -15.77 18.66
N ILE A 263 13.78 -15.77 17.81
CA ILE A 263 13.21 -14.55 17.25
C ILE A 263 11.72 -14.41 17.54
N THR A 264 11.32 -13.21 17.93
CA THR A 264 9.91 -12.91 18.19
C THR A 264 9.56 -11.73 17.28
N VAL A 265 8.51 -11.88 16.46
CA VAL A 265 8.06 -10.77 15.62
C VAL A 265 6.97 -10.08 16.44
N TRP A 266 6.90 -8.76 16.35
CA TRP A 266 5.94 -8.01 17.16
C TRP A 266 4.52 -7.96 16.58
N GLY A 267 3.88 -9.13 16.52
CA GLY A 267 2.52 -9.18 15.99
C GLY A 267 2.33 -10.29 14.98
N VAL A 268 1.07 -10.61 14.68
CA VAL A 268 0.76 -11.66 13.72
C VAL A 268 0.56 -11.12 12.30
N ARG A 269 -0.51 -10.37 12.08
CA ARG A 269 -0.78 -9.81 10.76
C ARG A 269 -0.43 -8.32 10.73
N ASP A 270 -0.19 -7.76 9.55
CA ASP A 270 0.13 -6.34 9.43
C ASP A 270 -0.91 -5.49 10.16
N THR A 271 -2.18 -5.86 10.02
CA THR A 271 -3.27 -5.14 10.65
C THR A 271 -3.28 -5.22 12.18
N ASP A 272 -2.47 -6.11 12.74
CA ASP A 272 -2.40 -6.26 14.19
C ASP A 272 -1.25 -5.40 14.72
N SER A 273 -0.37 -4.98 13.81
CA SER A 273 0.81 -4.19 14.17
C SER A 273 0.56 -2.78 14.71
N TRP A 274 1.40 -2.38 15.67
CA TRP A 274 1.30 -1.05 16.26
C TRP A 274 1.74 -0.03 15.20
N ARG A 275 2.29 -0.53 14.10
CA ARG A 275 2.73 0.30 12.99
C ARG A 275 2.21 -0.31 11.69
N SER A 276 0.92 -0.63 11.65
CA SER A 276 0.30 -1.24 10.49
C SER A 276 0.60 -0.49 9.18
N GLY A 277 0.79 0.81 9.28
CA GLY A 277 1.08 1.60 8.10
C GLY A 277 2.34 1.17 7.38
N ASP A 278 3.24 0.54 8.11
CA ASP A 278 4.50 0.08 7.52
C ASP A 278 4.47 -1.34 7.00
N THR A 279 3.33 -2.04 7.12
CA THR A 279 3.22 -3.43 6.64
C THR A 279 4.55 -4.10 6.97
N PRO A 280 4.92 -4.11 8.26
CA PRO A 280 6.18 -4.67 8.76
C PRO A 280 6.24 -6.13 9.19
N LEU A 281 5.13 -6.85 9.10
CA LEU A 281 5.11 -8.24 9.52
C LEU A 281 5.10 -9.28 8.41
N LEU A 282 4.98 -10.57 8.80
CA LEU A 282 5.02 -11.68 7.84
C LEU A 282 3.71 -12.12 7.19
N PHE A 283 2.58 -11.74 7.76
CA PHE A 283 1.28 -12.10 7.19
C PHE A 283 0.54 -10.79 6.93
N ASN A 284 -0.25 -10.72 5.86
CA ASN A 284 -0.98 -9.49 5.60
C ASN A 284 -2.38 -9.53 6.23
N GLY A 285 -3.14 -8.46 6.00
CA GLY A 285 -4.48 -8.38 6.55
C GLY A 285 -5.38 -9.57 6.33
N ASP A 286 -5.28 -10.20 5.16
CA ASP A 286 -6.13 -11.36 4.84
C ASP A 286 -5.66 -12.61 5.55
N GLY A 287 -4.54 -12.52 6.26
CA GLY A 287 -4.02 -13.67 6.96
C GLY A 287 -3.17 -14.53 6.05
N SER A 288 -2.88 -14.03 4.85
CA SER A 288 -2.07 -14.78 3.90
C SER A 288 -0.59 -14.47 4.09
N LYS A 289 0.25 -15.48 3.84
CA LYS A 289 1.69 -15.35 3.98
C LYS A 289 2.29 -14.39 2.95
N LYS A 290 3.16 -13.51 3.41
CA LYS A 290 3.80 -12.56 2.49
C LYS A 290 5.10 -13.16 1.96
N ALA A 291 5.73 -12.47 1.01
CA ALA A 291 6.99 -12.95 0.45
C ALA A 291 8.05 -13.11 1.55
N ALA A 292 8.03 -12.23 2.54
CA ALA A 292 9.00 -12.30 3.63
C ALA A 292 8.86 -13.59 4.43
N TYR A 293 7.63 -14.10 4.56
CA TYR A 293 7.40 -15.33 5.31
C TYR A 293 8.22 -16.47 4.71
N THR A 294 8.18 -16.58 3.39
CA THR A 294 8.90 -17.64 2.69
C THR A 294 10.40 -17.48 2.85
N ALA A 295 10.90 -16.24 2.84
CA ALA A 295 12.33 -15.99 2.99
C ALA A 295 12.82 -16.40 4.39
N VAL A 296 12.01 -16.09 5.41
CA VAL A 296 12.38 -16.46 6.78
C VAL A 296 12.36 -17.97 6.94
N LEU A 297 11.32 -18.62 6.41
CA LEU A 297 11.22 -20.07 6.52
C LEU A 297 12.40 -20.75 5.84
N ASN A 298 12.72 -20.34 4.62
CA ASN A 298 13.85 -20.93 3.90
C ASN A 298 15.14 -20.73 4.68
N ALA A 299 15.28 -19.57 5.31
CA ALA A 299 16.49 -19.29 6.08
C ALA A 299 16.58 -20.27 7.26
N LEU A 300 15.47 -20.48 7.96
CA LEU A 300 15.44 -21.39 9.11
C LEU A 300 15.72 -22.84 8.69
N ASN A 301 15.29 -23.20 7.49
CA ASN A 301 15.49 -24.56 6.99
C ASN A 301 16.83 -24.76 6.29
N GLY A 302 17.35 -23.73 5.65
CA GLY A 302 18.61 -23.86 4.94
C GLY A 302 19.81 -23.38 5.72
N GLY A 303 19.64 -23.22 7.03
CA GLY A 303 20.74 -22.75 7.86
C GLY A 303 21.24 -21.38 7.41
N GLY A 313 17.08 -12.70 -13.75
CA GLY A 313 17.33 -14.10 -14.21
C GLY A 313 16.13 -14.74 -14.87
N GLN A 314 16.35 -15.88 -15.52
CA GLN A 314 15.30 -16.60 -16.20
C GLN A 314 14.54 -17.50 -15.24
N ILE A 315 13.33 -17.89 -15.64
CA ILE A 315 12.50 -18.78 -14.85
C ILE A 315 12.08 -19.90 -15.81
N LYS A 316 12.62 -21.10 -15.59
CA LYS A 316 12.34 -22.23 -16.45
C LYS A 316 11.38 -23.25 -15.85
N GLY A 317 10.43 -23.70 -16.66
CA GLY A 317 9.47 -24.69 -16.23
C GLY A 317 10.11 -26.06 -16.25
N VAL A 318 10.03 -26.75 -15.12
CA VAL A 318 10.61 -28.07 -14.98
C VAL A 318 10.03 -29.06 -15.98
N GLY A 319 8.70 -29.08 -16.08
CA GLY A 319 8.06 -30.01 -16.98
C GLY A 319 8.25 -29.75 -18.46
N SER A 320 8.51 -28.50 -18.83
CA SER A 320 8.68 -28.15 -20.23
C SER A 320 10.11 -27.83 -20.67
N GLY A 321 10.94 -27.37 -19.75
CA GLY A 321 12.29 -27.02 -20.13
C GLY A 321 12.34 -25.67 -20.83
N ARG A 322 11.20 -24.99 -20.88
CA ARG A 322 11.11 -23.67 -21.52
C ARG A 322 10.99 -22.55 -20.50
N CYS A 323 11.24 -21.31 -20.93
CA CYS A 323 11.23 -20.14 -20.05
C CYS A 323 10.02 -19.20 -20.08
N LEU A 324 9.73 -18.61 -18.91
CA LEU A 324 8.63 -17.66 -18.74
C LEU A 324 8.96 -16.51 -19.70
N ASP A 325 8.08 -16.31 -20.67
CA ASP A 325 8.34 -15.33 -21.70
C ASP A 325 7.20 -14.35 -21.98
N VAL A 326 7.57 -13.09 -22.27
CA VAL A 326 6.58 -12.06 -22.60
C VAL A 326 6.63 -11.98 -24.13
N PRO A 327 5.59 -12.52 -24.80
CA PRO A 327 5.46 -12.56 -26.27
C PRO A 327 5.97 -11.36 -27.05
N ASN A 328 6.90 -11.62 -27.98
CA ASN A 328 7.48 -10.59 -28.83
C ASN A 328 8.07 -9.40 -28.10
N ALA A 329 8.53 -9.62 -26.88
CA ALA A 329 9.13 -8.56 -26.07
C ALA A 329 8.19 -7.36 -25.96
N SER A 330 6.89 -7.63 -25.89
CA SER A 330 5.89 -6.59 -25.76
C SER A 330 5.94 -5.96 -24.36
N THR A 331 5.46 -4.72 -24.26
CA THR A 331 5.48 -4.01 -22.98
C THR A 331 4.09 -3.50 -22.62
N THR A 332 3.11 -3.81 -23.45
CA THR A 332 1.74 -3.34 -23.20
C THR A 332 1.07 -4.10 -22.05
N ASP A 333 0.39 -3.35 -21.18
CA ASP A 333 -0.30 -3.97 -20.05
C ASP A 333 -1.38 -4.91 -20.56
N GLY A 334 -1.54 -6.04 -19.86
CA GLY A 334 -2.54 -6.99 -20.27
C GLY A 334 -2.04 -8.12 -21.15
N THR A 335 -0.77 -8.05 -21.55
CA THR A 335 -0.16 -9.09 -22.39
C THR A 335 0.06 -10.32 -21.52
N GLN A 336 -0.58 -11.44 -21.88
CA GLN A 336 -0.45 -12.67 -21.12
C GLN A 336 0.90 -13.34 -21.40
N VAL A 337 1.57 -13.82 -20.35
CA VAL A 337 2.86 -14.46 -20.52
C VAL A 337 2.70 -15.90 -21.01
N GLN A 338 3.79 -16.45 -21.53
CA GLN A 338 3.78 -17.81 -22.09
C GLN A 338 5.11 -18.51 -21.88
N LEU A 339 5.19 -19.75 -22.35
CA LEU A 339 6.40 -20.56 -22.30
C LEU A 339 7.07 -20.40 -23.65
N TYR A 340 8.39 -20.29 -23.67
CA TYR A 340 9.10 -20.16 -24.94
C TYR A 340 10.54 -20.62 -24.76
N ASP A 341 11.15 -21.09 -25.85
CA ASP A 341 12.53 -21.55 -25.80
C ASP A 341 13.36 -20.50 -25.07
N CYS A 342 14.19 -20.95 -24.12
CA CYS A 342 15.01 -20.04 -23.34
C CYS A 342 16.14 -19.40 -24.15
N HIS A 343 16.41 -18.13 -23.87
CA HIS A 343 17.48 -17.37 -24.52
C HIS A 343 17.68 -16.02 -23.80
N SER A 344 18.90 -15.53 -23.80
CA SER A 344 19.26 -14.28 -23.12
C SER A 344 18.60 -13.00 -23.61
N ALA A 345 17.27 -12.93 -23.57
CA ALA A 345 16.56 -11.73 -24.00
C ALA A 345 15.94 -11.05 -22.78
N THR A 346 15.79 -9.74 -22.84
CA THR A 346 15.22 -8.99 -21.74
C THR A 346 13.80 -9.41 -21.39
N ASN A 347 13.05 -9.91 -22.38
CA ASN A 347 11.68 -10.33 -22.13
C ASN A 347 11.62 -11.72 -21.48
N GLN A 348 12.75 -12.18 -20.96
CA GLN A 348 12.81 -13.46 -20.29
C GLN A 348 13.58 -13.31 -18.97
N GLN A 349 14.05 -12.10 -18.71
CA GLN A 349 14.79 -11.81 -17.50
C GLN A 349 13.85 -11.22 -16.44
N TRP A 350 13.62 -12.00 -15.39
CA TRP A 350 12.75 -11.58 -14.30
C TRP A 350 13.53 -11.29 -13.04
N THR A 351 13.17 -10.20 -12.37
CA THR A 351 13.83 -9.83 -11.13
C THR A 351 12.85 -10.00 -9.98
N TYR A 352 13.26 -10.72 -8.95
CA TYR A 352 12.42 -10.94 -7.79
C TYR A 352 12.85 -9.88 -6.77
N THR A 353 11.97 -8.91 -6.52
CA THR A 353 12.26 -7.81 -5.59
C THR A 353 11.98 -8.18 -4.14
N ASP A 354 12.50 -7.36 -3.22
CA ASP A 354 12.31 -7.59 -1.79
C ASP A 354 10.85 -7.50 -1.39
N ALA A 355 10.07 -6.79 -2.19
CA ALA A 355 8.63 -6.64 -1.92
C ALA A 355 7.88 -7.89 -2.38
N GLY A 356 8.54 -8.73 -3.19
CA GLY A 356 7.91 -9.95 -3.65
C GLY A 356 7.38 -9.93 -5.07
N GLU A 357 7.82 -8.96 -5.87
CA GLU A 357 7.37 -8.87 -7.26
C GLU A 357 8.33 -9.60 -8.21
N LEU A 358 7.81 -9.93 -9.39
CA LEU A 358 8.62 -10.55 -10.42
C LEU A 358 8.56 -9.52 -11.54
N ARG A 359 9.58 -8.66 -11.58
CA ARG A 359 9.64 -7.58 -12.55
C ARG A 359 10.40 -7.90 -13.84
N VAL A 360 9.90 -7.34 -14.94
CA VAL A 360 10.52 -7.48 -16.24
C VAL A 360 10.49 -6.08 -16.84
N TYR A 361 11.55 -5.72 -17.57
CA TYR A 361 11.66 -4.40 -18.19
C TYR A 361 11.83 -3.33 -17.14
N GLY A 362 12.21 -3.74 -15.94
CA GLY A 362 12.41 -2.78 -14.86
C GLY A 362 11.16 -2.30 -14.14
N ASP A 363 10.09 -2.02 -14.89
CA ASP A 363 8.88 -1.52 -14.26
C ASP A 363 7.55 -2.22 -14.62
N LYS A 364 7.64 -3.43 -15.17
CA LYS A 364 6.43 -4.20 -15.48
C LYS A 364 6.42 -5.36 -14.48
N CYS A 365 5.24 -5.67 -13.95
CA CYS A 365 5.09 -6.72 -12.95
C CYS A 365 4.24 -7.90 -13.37
N LEU A 366 4.67 -9.10 -12.98
CA LEU A 366 3.89 -10.31 -13.28
C LEU A 366 2.60 -10.02 -12.51
N ASP A 367 1.48 -10.08 -13.22
CA ASP A 367 0.19 -9.70 -12.66
C ASP A 367 -0.93 -10.73 -12.83
N ALA A 368 -1.70 -10.95 -11.76
CA ALA A 368 -2.83 -11.88 -11.81
C ALA A 368 -4.10 -11.04 -11.88
N ALA A 369 -4.90 -11.28 -12.91
CA ALA A 369 -6.14 -10.51 -13.11
C ALA A 369 -7.35 -11.16 -12.46
N GLY A 370 -7.17 -11.67 -11.25
CA GLY A 370 -8.26 -12.32 -10.54
C GLY A 370 -7.70 -13.26 -9.50
N THR A 371 -8.55 -14.01 -8.81
CA THR A 371 -8.07 -14.92 -7.79
C THR A 371 -8.51 -16.38 -7.91
N GLY A 372 -9.30 -16.71 -8.92
CA GLY A 372 -9.74 -18.07 -9.07
C GLY A 372 -8.97 -18.86 -10.11
N ASN A 373 -9.22 -20.16 -10.18
CA ASN A 373 -8.54 -21.02 -11.15
C ASN A 373 -8.83 -20.48 -12.54
N GLY A 374 -7.84 -20.59 -13.42
CA GLY A 374 -8.02 -20.12 -14.78
C GLY A 374 -7.65 -18.67 -14.98
N THR A 375 -7.44 -17.95 -13.89
CA THR A 375 -7.06 -16.54 -13.96
C THR A 375 -5.82 -16.43 -14.83
N LYS A 376 -5.84 -15.55 -15.82
CA LYS A 376 -4.68 -15.42 -16.68
C LYS A 376 -3.57 -14.61 -16.00
N VAL A 377 -2.34 -15.03 -16.24
CA VAL A 377 -1.19 -14.33 -15.67
C VAL A 377 -0.61 -13.49 -16.80
N GLN A 378 -0.43 -12.21 -16.51
CA GLN A 378 0.04 -11.24 -17.49
C GLN A 378 1.03 -10.28 -16.86
N ILE A 379 1.33 -9.21 -17.60
CA ILE A 379 2.21 -8.17 -17.11
C ILE A 379 1.35 -6.91 -17.03
N TYR A 380 1.63 -6.07 -16.05
CA TYR A 380 0.88 -4.85 -15.84
C TYR A 380 1.81 -3.90 -15.08
N SER A 381 1.53 -2.60 -15.13
CA SER A 381 2.37 -1.65 -14.43
C SER A 381 2.45 -2.04 -12.95
N CYS A 382 3.64 -1.96 -12.39
CA CYS A 382 3.84 -2.29 -10.98
C CYS A 382 3.24 -1.19 -10.11
N TRP A 383 2.43 -1.57 -9.12
CA TRP A 383 1.84 -0.59 -8.23
C TRP A 383 1.79 -1.05 -6.78
N GLY A 384 2.16 -2.31 -6.53
CA GLY A 384 2.17 -2.82 -5.17
C GLY A 384 0.97 -3.65 -4.71
N GLY A 385 0.10 -4.02 -5.63
CA GLY A 385 -1.05 -4.84 -5.24
C GLY A 385 -0.60 -6.23 -4.86
N ASP A 386 -1.36 -6.92 -4.02
CA ASP A 386 -0.99 -8.27 -3.60
C ASP A 386 -1.13 -9.26 -4.74
N ASN A 387 -1.81 -8.86 -5.81
CA ASN A 387 -1.97 -9.72 -6.96
C ASN A 387 -0.75 -9.61 -7.86
N GLN A 388 0.25 -8.88 -7.37
CA GLN A 388 1.51 -8.70 -8.09
C GLN A 388 2.65 -9.16 -7.21
N LYS A 389 2.32 -9.91 -6.17
CA LYS A 389 3.33 -10.41 -5.26
C LYS A 389 3.28 -11.92 -5.24
N TRP A 390 4.47 -12.52 -5.18
CA TRP A 390 4.58 -13.96 -5.22
C TRP A 390 5.52 -14.54 -4.19
N ARG A 391 5.35 -15.84 -3.94
CA ARG A 391 6.20 -16.55 -3.03
C ARG A 391 6.89 -17.66 -3.81
N LEU A 392 8.21 -17.64 -3.80
CA LEU A 392 8.98 -18.66 -4.50
C LEU A 392 9.31 -19.73 -3.48
N ASN A 393 8.52 -20.80 -3.47
CA ASN A 393 8.73 -21.88 -2.51
C ASN A 393 9.93 -22.77 -2.85
N SER A 394 10.51 -23.35 -1.81
CA SER A 394 11.67 -24.22 -1.97
C SER A 394 11.36 -25.44 -2.83
N ASP A 395 10.09 -25.83 -2.88
CA ASP A 395 9.70 -26.98 -3.67
C ASP A 395 9.61 -26.66 -5.17
N GLY A 396 9.89 -25.41 -5.51
CA GLY A 396 9.84 -25.01 -6.91
C GLY A 396 8.55 -24.37 -7.38
N SER A 397 7.55 -24.33 -6.52
CA SER A 397 6.28 -23.73 -6.91
C SER A 397 6.32 -22.21 -6.69
N ILE A 398 5.49 -21.51 -7.44
CA ILE A 398 5.39 -20.05 -7.33
C ILE A 398 3.94 -19.76 -7.00
N VAL A 399 3.70 -19.28 -5.78
CA VAL A 399 2.35 -19.00 -5.31
C VAL A 399 2.01 -17.52 -5.25
N GLY A 400 0.81 -17.17 -5.71
CA GLY A 400 0.39 -15.78 -5.66
C GLY A 400 -0.07 -15.43 -4.27
N VAL A 401 0.46 -14.35 -3.70
CA VAL A 401 0.10 -13.95 -2.35
C VAL A 401 -1.39 -13.70 -2.15
N GLN A 402 -2.00 -12.94 -3.05
CA GLN A 402 -3.41 -12.63 -2.92
C GLN A 402 -4.33 -13.84 -3.12
N SER A 403 -4.02 -14.67 -4.11
CA SER A 403 -4.86 -15.82 -4.43
C SER A 403 -4.49 -17.13 -3.76
N GLY A 404 -3.22 -17.30 -3.41
CA GLY A 404 -2.80 -18.54 -2.80
C GLY A 404 -2.77 -19.66 -3.84
N LEU A 405 -2.88 -19.29 -5.11
CA LEU A 405 -2.84 -20.25 -6.20
C LEU A 405 -1.43 -20.32 -6.81
N CYS A 406 -1.18 -21.36 -7.61
CA CYS A 406 0.11 -21.58 -8.22
C CYS A 406 0.21 -21.17 -9.68
N LEU A 407 1.41 -20.78 -10.11
CA LEU A 407 1.63 -20.44 -11.51
C LEU A 407 1.47 -21.80 -12.18
N ASP A 408 0.69 -21.84 -13.24
CA ASP A 408 0.38 -23.10 -13.91
C ASP A 408 0.44 -22.97 -15.44
N ALA A 409 1.17 -23.88 -16.08
CA ALA A 409 1.27 -23.89 -17.53
C ALA A 409 0.04 -24.63 -18.04
N VAL A 410 -0.94 -23.87 -18.53
CA VAL A 410 -2.22 -24.40 -19.03
C VAL A 410 -2.23 -25.80 -19.65
N GLY A 411 -3.10 -26.65 -19.12
CA GLY A 411 -3.25 -28.00 -19.62
C GLY A 411 -1.99 -28.84 -19.61
N GLY A 412 -0.97 -28.36 -18.90
CA GLY A 412 0.29 -29.08 -18.83
C GLY A 412 1.07 -29.01 -20.13
N GLY A 413 0.71 -28.07 -21.00
CA GLY A 413 1.40 -27.91 -22.27
C GLY A 413 2.88 -27.63 -22.08
N THR A 414 3.68 -27.98 -23.09
CA THR A 414 5.12 -27.78 -23.02
C THR A 414 5.72 -27.08 -24.25
N ALA A 415 4.91 -26.88 -25.28
CA ALA A 415 5.37 -26.23 -26.51
C ALA A 415 5.38 -24.71 -26.40
N ASN A 416 6.11 -24.05 -27.31
CA ASN A 416 6.17 -22.59 -27.33
C ASN A 416 4.77 -22.05 -27.51
N GLY A 417 4.42 -21.03 -26.73
CA GLY A 417 3.10 -20.45 -26.86
C GLY A 417 2.12 -20.93 -25.81
N THR A 418 2.56 -21.88 -24.99
CA THR A 418 1.71 -22.40 -23.93
C THR A 418 1.49 -21.24 -22.96
N LEU A 419 0.22 -20.96 -22.65
CA LEU A 419 -0.11 -19.85 -21.77
C LEU A 419 0.05 -20.17 -20.28
N ILE A 420 0.15 -19.13 -19.48
CA ILE A 420 0.30 -19.27 -18.03
C ILE A 420 -0.94 -18.76 -17.31
N GLN A 421 -1.36 -19.50 -16.29
CA GLN A 421 -2.53 -19.12 -15.51
C GLN A 421 -2.32 -19.46 -14.05
N LEU A 422 -3.33 -19.15 -13.23
CA LEU A 422 -3.30 -19.47 -11.80
C LEU A 422 -4.16 -20.72 -11.63
N TYR A 423 -3.71 -21.65 -10.81
CA TYR A 423 -4.47 -22.86 -10.59
C TYR A 423 -4.12 -23.46 -9.22
N SER A 424 -5.08 -24.15 -8.61
CA SER A 424 -4.83 -24.75 -7.31
C SER A 424 -3.55 -25.58 -7.39
N CYS A 425 -2.65 -25.35 -6.45
CA CYS A 425 -1.37 -26.05 -6.40
C CYS A 425 -1.53 -27.57 -6.34
N SER A 426 -0.76 -28.26 -7.18
CA SER A 426 -0.82 -29.71 -7.28
C SER A 426 0.55 -30.38 -7.27
N ASN A 427 1.61 -29.60 -7.21
CA ASN A 427 2.95 -30.16 -7.21
C ASN A 427 3.25 -30.82 -8.57
N GLY A 428 2.44 -30.49 -9.57
CA GLY A 428 2.65 -31.04 -10.90
C GLY A 428 3.92 -30.43 -11.50
N SER A 429 4.43 -31.02 -12.58
CA SER A 429 5.64 -30.52 -13.21
C SER A 429 5.40 -29.25 -14.02
N ASN A 430 4.14 -28.95 -14.29
CA ASN A 430 3.78 -27.74 -15.05
C ASN A 430 3.57 -26.59 -14.06
N GLN A 431 3.87 -26.87 -12.79
CA GLN A 431 3.75 -25.87 -11.73
C GLN A 431 5.05 -25.76 -10.97
N ARG A 432 6.08 -26.41 -11.48
CA ARG A 432 7.39 -26.34 -10.83
C ARG A 432 8.33 -25.57 -11.71
N TRP A 433 9.08 -24.66 -11.10
CA TRP A 433 9.99 -23.82 -11.84
C TRP A 433 11.37 -23.80 -11.22
N THR A 434 12.34 -23.33 -11.99
CA THR A 434 13.71 -23.23 -11.53
C THR A 434 14.31 -21.94 -12.06
N ARG A 435 15.13 -21.28 -11.25
CA ARG A 435 15.75 -20.03 -11.67
C ARG A 435 17.15 -20.29 -12.21
N THR A 436 17.47 -19.63 -13.32
CA THR A 436 18.77 -19.77 -13.96
C THR A 436 19.39 -18.39 -14.18
N ALA B 1 -4.96 29.44 -15.60
CA ALA B 1 -3.61 29.11 -15.07
C ALA B 1 -3.13 27.79 -15.63
N GLU B 2 -2.16 27.19 -14.93
CA GLU B 2 -1.61 25.91 -15.35
C GLU B 2 -1.04 25.20 -14.14
N SER B 3 -1.46 25.63 -12.95
CA SER B 3 -0.99 25.01 -11.72
C SER B 3 -2.04 24.07 -11.14
N THR B 4 -3.25 24.08 -11.72
CA THR B 4 -4.32 23.19 -11.28
C THR B 4 -4.90 22.46 -12.48
N LEU B 5 -5.45 21.28 -12.25
CA LEU B 5 -6.04 20.46 -13.32
C LEU B 5 -7.08 21.19 -14.15
N GLY B 6 -8.09 21.74 -13.49
CA GLY B 6 -9.14 22.46 -14.20
C GLY B 6 -8.63 23.56 -15.10
N ALA B 7 -7.79 24.43 -14.55
CA ALA B 7 -7.21 25.55 -15.28
C ALA B 7 -6.36 25.09 -16.46
N ALA B 8 -5.62 24.00 -16.28
CA ALA B 8 -4.78 23.47 -17.36
C ALA B 8 -5.64 22.93 -18.49
N ALA B 9 -6.71 22.23 -18.14
CA ALA B 9 -7.59 21.67 -19.17
C ALA B 9 -8.27 22.79 -19.95
N ALA B 10 -8.56 23.91 -19.29
CA ALA B 10 -9.22 25.04 -19.95
C ALA B 10 -8.35 25.67 -21.02
N GLN B 11 -7.04 25.42 -20.98
CA GLN B 11 -6.12 25.96 -21.96
C GLN B 11 -6.30 25.28 -23.31
N SER B 12 -7.07 24.19 -23.34
CA SER B 12 -7.35 23.49 -24.58
C SER B 12 -8.86 23.44 -24.77
N GLY B 13 -9.57 24.30 -24.03
CA GLY B 13 -11.01 24.37 -24.14
C GLY B 13 -11.76 23.23 -23.49
N ARG B 14 -11.06 22.44 -22.68
CA ARG B 14 -11.68 21.30 -22.02
C ARG B 14 -11.85 21.51 -20.53
N TYR B 15 -12.42 20.51 -19.86
CA TYR B 15 -12.64 20.59 -18.42
C TYR B 15 -12.04 19.37 -17.77
N PHE B 16 -11.85 19.46 -16.46
CA PHE B 16 -11.35 18.33 -15.71
C PHE B 16 -12.20 18.31 -14.45
N GLY B 17 -13.00 17.26 -14.30
CA GLY B 17 -13.88 17.16 -13.16
C GLY B 17 -13.67 15.98 -12.26
N THR B 18 -14.54 15.86 -11.26
CA THR B 18 -14.45 14.79 -10.29
C THR B 18 -15.87 14.46 -9.85
N ALA B 19 -16.03 13.38 -9.09
CA ALA B 19 -17.33 13.01 -8.57
C ALA B 19 -17.32 13.55 -7.14
N ILE B 20 -18.42 14.16 -6.72
CA ILE B 20 -18.54 14.74 -5.38
C ILE B 20 -19.60 14.01 -4.55
N ALA B 21 -19.29 13.75 -3.29
CA ALA B 21 -20.22 13.09 -2.38
C ALA B 21 -20.65 14.14 -1.36
N SER B 22 -21.95 14.44 -1.34
CA SER B 22 -22.48 15.45 -0.41
C SER B 22 -22.10 15.21 1.05
N GLY B 23 -22.02 13.94 1.44
CA GLY B 23 -21.69 13.62 2.81
C GLY B 23 -20.30 14.04 3.22
N LYS B 24 -19.44 14.32 2.25
CA LYS B 24 -18.06 14.71 2.53
C LYS B 24 -17.80 16.21 2.42
N LEU B 25 -18.83 16.97 2.05
CA LEU B 25 -18.67 18.41 1.90
C LEU B 25 -18.36 19.12 3.22
N GLY B 26 -18.52 18.39 4.33
CA GLY B 26 -18.23 18.99 5.63
C GLY B 26 -16.76 18.84 5.97
N ASP B 27 -16.05 18.02 5.19
CA ASP B 27 -14.63 17.75 5.38
C ASP B 27 -13.80 18.80 4.63
N SER B 28 -13.27 19.78 5.35
CA SER B 28 -12.50 20.85 4.72
C SER B 28 -11.28 20.37 3.93
N ALA B 29 -10.71 19.24 4.32
CA ALA B 29 -9.56 18.71 3.60
C ALA B 29 -10.02 18.24 2.21
N TYR B 30 -11.23 17.70 2.18
CA TYR B 30 -11.85 17.20 0.96
C TYR B 30 -12.21 18.36 0.02
N THR B 31 -12.97 19.32 0.54
CA THR B 31 -13.41 20.48 -0.25
C THR B 31 -12.28 21.39 -0.72
N THR B 32 -11.23 21.52 0.08
CA THR B 32 -10.11 22.36 -0.32
C THR B 32 -9.57 21.85 -1.66
N ILE B 33 -9.30 20.56 -1.73
CA ILE B 33 -8.78 19.95 -2.96
C ILE B 33 -9.80 20.05 -4.11
N ALA B 34 -11.03 19.63 -3.83
CA ALA B 34 -12.09 19.64 -4.82
C ALA B 34 -12.37 20.99 -5.48
N SER B 35 -12.59 22.03 -4.68
CA SER B 35 -12.88 23.34 -5.24
C SER B 35 -11.71 23.93 -6.00
N ARG B 36 -10.50 23.64 -5.55
CA ARG B 36 -9.30 24.17 -6.18
C ARG B 36 -8.92 23.52 -7.52
N GLU B 37 -8.98 22.19 -7.57
CA GLU B 37 -8.55 21.45 -8.75
C GLU B 37 -9.52 21.17 -9.89
N PHE B 38 -10.82 21.15 -9.62
CA PHE B 38 -11.79 20.81 -10.65
C PHE B 38 -12.78 21.91 -11.04
N ASN B 39 -13.16 21.91 -12.31
CA ASN B 39 -14.10 22.90 -12.82
C ASN B 39 -15.35 22.24 -13.43
N MET B 40 -15.57 20.97 -13.09
CA MET B 40 -16.73 20.21 -13.54
C MET B 40 -17.05 19.22 -12.41
N VAL B 41 -18.34 19.02 -12.13
CA VAL B 41 -18.76 18.14 -11.05
C VAL B 41 -19.88 17.17 -11.40
N THR B 42 -19.77 15.95 -10.87
CA THR B 42 -20.81 14.95 -11.05
C THR B 42 -21.16 14.52 -9.63
N ALA B 43 -22.46 14.40 -9.32
CA ALA B 43 -22.87 13.96 -7.98
C ALA B 43 -22.68 12.44 -8.01
N GLU B 44 -21.90 11.91 -7.07
CA GLU B 44 -21.65 10.48 -7.07
C GLU B 44 -22.87 9.58 -6.88
N ASN B 45 -23.91 10.06 -6.17
CA ASN B 45 -25.11 9.27 -5.93
C ASN B 45 -26.38 10.10 -5.80
N GLU B 46 -26.22 11.36 -5.43
CA GLU B 46 -27.35 12.25 -5.19
C GLU B 46 -28.37 12.51 -6.30
N MET B 47 -28.02 12.23 -7.56
CA MET B 47 -28.98 12.47 -8.63
C MET B 47 -29.46 11.18 -9.29
N LYS B 48 -29.17 10.06 -8.64
CA LYS B 48 -29.61 8.77 -9.13
C LYS B 48 -31.12 8.66 -8.92
N ILE B 49 -31.73 7.66 -9.56
CA ILE B 49 -33.18 7.49 -9.47
C ILE B 49 -33.74 7.33 -8.06
N ASP B 50 -33.12 6.47 -7.25
CA ASP B 50 -33.61 6.24 -5.91
C ASP B 50 -33.46 7.47 -5.01
N ALA B 51 -32.49 8.32 -5.30
CA ALA B 51 -32.26 9.51 -4.50
C ALA B 51 -33.18 10.67 -4.87
N THR B 52 -33.62 10.70 -6.13
CA THR B 52 -34.47 11.78 -6.60
C THR B 52 -35.98 11.47 -6.63
N GLU B 53 -36.33 10.20 -6.62
CA GLU B 53 -37.74 9.82 -6.62
C GLU B 53 -37.94 8.59 -5.74
N PRO B 54 -37.80 8.77 -4.41
CA PRO B 54 -37.95 7.72 -3.40
C PRO B 54 -39.32 7.04 -3.36
N GLN B 55 -40.34 7.77 -3.77
CA GLN B 55 -41.70 7.22 -3.84
C GLN B 55 -42.24 7.68 -5.18
N ARG B 56 -43.06 6.85 -5.83
CA ARG B 56 -43.59 7.22 -7.13
C ARG B 56 -44.29 8.58 -7.16
N GLY B 57 -43.78 9.49 -8.00
CA GLY B 57 -44.37 10.81 -8.10
C GLY B 57 -43.89 11.79 -7.04
N GLN B 58 -43.18 11.30 -6.03
CA GLN B 58 -42.65 12.18 -4.98
C GLN B 58 -41.16 12.38 -5.20
N PHE B 59 -40.82 13.50 -5.83
CA PHE B 59 -39.42 13.80 -6.10
C PHE B 59 -38.76 14.48 -4.89
N ASN B 60 -37.49 14.17 -4.66
CA ASN B 60 -36.75 14.75 -3.55
C ASN B 60 -35.40 15.22 -4.09
N PHE B 61 -35.15 16.52 -4.04
CA PHE B 61 -33.91 17.06 -4.56
C PHE B 61 -32.97 17.64 -3.51
N SER B 62 -33.23 17.36 -2.24
CA SER B 62 -32.40 17.89 -1.16
C SER B 62 -30.93 17.46 -1.24
N ALA B 63 -30.69 16.20 -1.57
CA ALA B 63 -29.32 15.71 -1.67
C ALA B 63 -28.66 16.24 -2.95
N GLY B 64 -29.38 16.15 -4.07
CA GLY B 64 -28.85 16.64 -5.33
C GLY B 64 -28.52 18.12 -5.29
N ASP B 65 -29.41 18.92 -4.72
CA ASP B 65 -29.19 20.36 -4.62
C ASP B 65 -27.98 20.76 -3.76
N ARG B 66 -27.63 19.95 -2.76
CA ARG B 66 -26.47 20.29 -1.93
C ARG B 66 -25.22 20.21 -2.81
N VAL B 67 -25.18 19.20 -3.67
CA VAL B 67 -24.06 19.03 -4.57
C VAL B 67 -24.08 20.16 -5.61
N TYR B 68 -25.25 20.42 -6.17
CA TYR B 68 -25.39 21.48 -7.17
C TYR B 68 -25.01 22.87 -6.66
N ASN B 69 -25.53 23.25 -5.49
CA ASN B 69 -25.24 24.56 -4.92
C ASN B 69 -23.74 24.73 -4.69
N TRP B 70 -23.10 23.69 -4.16
CA TRP B 70 -21.67 23.74 -3.91
C TRP B 70 -20.92 23.98 -5.21
N ALA B 71 -21.26 23.21 -6.23
CA ALA B 71 -20.62 23.33 -7.54
C ALA B 71 -20.66 24.74 -8.10
N VAL B 72 -21.86 25.31 -8.23
CA VAL B 72 -21.99 26.65 -8.79
C VAL B 72 -21.38 27.74 -7.92
N GLN B 73 -21.46 27.57 -6.60
CA GLN B 73 -20.87 28.55 -5.70
C GLN B 73 -19.35 28.59 -5.91
N ASN B 74 -18.80 27.45 -6.31
CA ASN B 74 -17.37 27.35 -6.54
C ASN B 74 -16.94 27.39 -8.02
N GLY B 75 -17.81 27.95 -8.85
CA GLY B 75 -17.51 28.08 -10.27
C GLY B 75 -17.38 26.81 -11.10
N LYS B 76 -18.18 25.79 -10.79
CA LYS B 76 -18.09 24.55 -11.55
C LYS B 76 -19.37 24.27 -12.33
N GLN B 77 -19.23 23.55 -13.43
CA GLN B 77 -20.38 23.16 -14.22
C GLN B 77 -20.76 21.78 -13.68
N VAL B 78 -21.94 21.28 -14.07
CA VAL B 78 -22.39 20.00 -13.56
C VAL B 78 -22.86 19.01 -14.60
N ARG B 79 -22.50 17.74 -14.37
CA ARG B 79 -22.93 16.63 -15.24
C ARG B 79 -24.01 15.93 -14.44
N GLY B 80 -25.15 15.65 -15.07
CA GLY B 80 -26.24 14.96 -14.39
C GLY B 80 -26.08 13.46 -14.52
N HIS B 81 -26.15 12.76 -13.40
CA HIS B 81 -25.96 11.31 -13.39
C HIS B 81 -26.88 10.66 -12.35
N THR B 82 -27.84 9.82 -12.76
CA THR B 82 -28.13 9.44 -14.15
C THR B 82 -29.66 9.24 -14.18
N LEU B 83 -30.29 9.37 -15.35
CA LEU B 83 -31.76 9.28 -15.44
C LEU B 83 -32.47 7.94 -15.64
N ALA B 84 -31.87 7.03 -16.39
CA ALA B 84 -32.48 5.71 -16.63
C ALA B 84 -31.37 4.68 -16.47
N TRP B 85 -31.58 3.69 -15.60
CA TRP B 85 -30.55 2.70 -15.30
C TRP B 85 -31.21 1.50 -14.63
N HIS B 86 -30.64 0.31 -14.82
CA HIS B 86 -31.18 -0.91 -14.21
C HIS B 86 -30.74 -1.04 -12.77
N SER B 87 -29.69 -0.30 -12.41
CA SER B 87 -29.15 -0.37 -11.07
C SER B 87 -29.64 0.76 -10.18
N GLN B 88 -29.58 0.53 -8.87
CA GLN B 88 -29.99 1.50 -7.86
C GLN B 88 -31.38 2.13 -8.08
N GLN B 89 -32.34 1.29 -8.47
CA GLN B 89 -33.71 1.77 -8.66
C GLN B 89 -34.43 1.72 -7.31
N PRO B 90 -35.38 2.63 -7.06
CA PRO B 90 -36.11 2.61 -5.80
C PRO B 90 -36.93 1.32 -5.75
N GLY B 91 -37.25 0.84 -4.55
CA GLY B 91 -38.02 -0.39 -4.44
C GLY B 91 -39.30 -0.38 -5.28
N TRP B 92 -40.02 0.73 -5.24
CA TRP B 92 -41.27 0.82 -5.98
C TRP B 92 -41.11 0.65 -7.49
N MET B 93 -39.95 1.05 -8.03
CA MET B 93 -39.71 0.93 -9.47
C MET B 93 -39.28 -0.50 -9.83
N GLN B 94 -38.56 -1.16 -8.93
CA GLN B 94 -38.12 -2.52 -9.18
C GLN B 94 -39.31 -3.47 -9.31
N SER B 95 -40.45 -3.05 -8.76
CA SER B 95 -41.68 -3.85 -8.80
C SER B 95 -42.49 -3.64 -10.07
N LEU B 96 -42.08 -2.70 -10.90
CA LEU B 96 -42.80 -2.40 -12.13
C LEU B 96 -42.23 -3.11 -13.35
N SER B 97 -43.09 -3.32 -14.35
CA SER B 97 -42.69 -3.96 -15.59
C SER B 97 -43.68 -3.52 -16.66
N GLY B 98 -43.39 -3.85 -17.91
CA GLY B 98 -44.29 -3.49 -18.98
C GLY B 98 -44.49 -1.99 -19.15
N SER B 99 -45.64 -1.63 -19.72
CA SER B 99 -45.97 -0.23 -19.98
C SER B 99 -45.99 0.66 -18.74
N THR B 100 -46.31 0.09 -17.58
CA THR B 100 -46.34 0.84 -16.32
C THR B 100 -44.94 1.36 -15.99
N LEU B 101 -43.93 0.51 -16.19
CA LEU B 101 -42.54 0.87 -15.93
C LEU B 101 -42.11 1.90 -16.97
N ARG B 102 -42.47 1.65 -18.23
CA ARG B 102 -42.11 2.56 -19.31
C ARG B 102 -42.58 3.97 -19.03
N GLN B 103 -43.81 4.10 -18.53
CA GLN B 103 -44.34 5.41 -18.21
C GLN B 103 -43.64 5.99 -16.98
N ALA B 104 -43.35 5.14 -16.00
CA ALA B 104 -42.65 5.62 -14.79
C ALA B 104 -41.28 6.17 -15.20
N MET B 105 -40.64 5.52 -16.18
CA MET B 105 -39.33 5.98 -16.64
C MET B 105 -39.48 7.39 -17.21
N ILE B 106 -40.46 7.57 -18.10
CA ILE B 106 -40.73 8.85 -18.72
C ILE B 106 -41.04 9.92 -17.67
N ASP B 107 -41.89 9.58 -16.70
CA ASP B 107 -42.24 10.51 -15.64
C ASP B 107 -40.99 10.93 -14.84
N HIS B 108 -40.13 9.96 -14.56
CA HIS B 108 -38.92 10.25 -13.79
C HIS B 108 -38.03 11.27 -14.51
N ILE B 109 -37.82 11.05 -15.79
CA ILE B 109 -37.00 11.95 -16.59
C ILE B 109 -37.56 13.38 -16.58
N ASN B 110 -38.87 13.51 -16.82
CA ASN B 110 -39.49 14.83 -16.85
C ASN B 110 -39.39 15.55 -15.51
N GLY B 111 -39.54 14.80 -14.42
CA GLY B 111 -39.47 15.40 -13.10
C GLY B 111 -38.09 15.92 -12.74
N VAL B 112 -37.09 15.07 -12.90
CA VAL B 112 -35.72 15.46 -12.57
C VAL B 112 -35.17 16.57 -13.47
N MET B 113 -35.36 16.43 -14.78
CA MET B 113 -34.86 17.44 -15.70
C MET B 113 -35.62 18.76 -15.57
N GLY B 114 -36.89 18.68 -15.20
CA GLY B 114 -37.66 19.90 -15.03
C GLY B 114 -37.09 20.72 -13.87
N HIS B 115 -36.67 20.03 -12.82
CA HIS B 115 -36.10 20.70 -11.65
C HIS B 115 -34.78 21.37 -11.99
N TYR B 116 -33.94 20.68 -12.75
CA TYR B 116 -32.62 21.20 -13.14
C TYR B 116 -32.58 21.79 -14.54
N LYS B 117 -33.74 22.16 -15.07
CA LYS B 117 -33.81 22.71 -16.42
C LYS B 117 -32.89 23.91 -16.63
N GLY B 118 -32.00 23.83 -17.61
CA GLY B 118 -31.10 24.92 -17.90
C GLY B 118 -29.91 25.07 -16.98
N LYS B 119 -29.79 24.21 -15.97
CA LYS B 119 -28.68 24.30 -15.03
C LYS B 119 -27.61 23.21 -15.21
N ILE B 120 -27.89 22.23 -16.05
CA ILE B 120 -26.97 21.11 -16.27
C ILE B 120 -26.32 21.10 -17.65
N ALA B 121 -25.00 20.95 -17.68
CA ALA B 121 -24.25 20.94 -18.93
C ALA B 121 -24.48 19.64 -19.72
N GLN B 122 -24.35 18.52 -19.03
CA GLN B 122 -24.52 17.19 -19.64
C GLN B 122 -25.37 16.29 -18.74
N TRP B 123 -26.13 15.40 -19.35
CA TRP B 123 -26.93 14.44 -18.59
C TRP B 123 -26.60 13.04 -19.08
N ASP B 124 -26.33 12.11 -18.17
CA ASP B 124 -26.14 10.74 -18.60
C ASP B 124 -27.60 10.27 -18.61
N VAL B 125 -28.24 10.35 -19.77
CA VAL B 125 -29.65 9.95 -19.87
C VAL B 125 -29.83 8.46 -19.61
N VAL B 126 -29.10 7.64 -20.35
CA VAL B 126 -29.17 6.20 -20.18
C VAL B 126 -27.77 5.75 -19.75
N ASN B 127 -27.74 4.82 -18.80
CA ASN B 127 -26.47 4.33 -18.27
C ASN B 127 -26.42 2.81 -18.33
N GLU B 128 -25.30 2.28 -18.83
CA GLU B 128 -25.04 0.85 -18.90
C GLU B 128 -26.16 -0.05 -19.44
N ALA B 129 -26.58 0.17 -20.69
CA ALA B 129 -27.64 -0.63 -21.27
C ALA B 129 -27.14 -1.88 -22.00
N PHE B 130 -25.84 -1.97 -22.24
CA PHE B 130 -25.29 -3.14 -22.93
C PHE B 130 -24.68 -4.20 -22.00
N SER B 131 -24.69 -5.43 -22.50
CA SER B 131 -24.21 -6.59 -21.76
C SER B 131 -22.71 -6.83 -21.80
N ASP B 132 -22.23 -7.55 -20.79
CA ASP B 132 -20.82 -7.90 -20.67
C ASP B 132 -20.56 -9.34 -21.07
N ASP B 133 -21.58 -10.04 -21.58
CA ASP B 133 -21.43 -11.44 -21.94
C ASP B 133 -20.61 -11.70 -23.20
N GLY B 134 -20.26 -10.64 -23.92
CA GLY B 134 -19.49 -10.79 -25.12
C GLY B 134 -20.32 -10.91 -26.39
N SER B 135 -21.63 -10.71 -26.27
CA SER B 135 -22.51 -10.80 -27.43
C SER B 135 -22.63 -9.45 -28.14
N GLY B 136 -22.40 -8.38 -27.39
CA GLY B 136 -22.50 -7.05 -27.96
C GLY B 136 -23.95 -6.61 -27.98
N GLY B 137 -24.80 -7.32 -27.25
CA GLY B 137 -26.21 -7.00 -27.21
C GLY B 137 -26.65 -6.27 -25.94
N ARG B 138 -27.95 -6.03 -25.85
CA ARG B 138 -28.55 -5.33 -24.72
C ARG B 138 -28.53 -6.16 -23.44
N ARG B 139 -28.39 -5.45 -22.32
CA ARG B 139 -28.38 -6.06 -21.00
C ARG B 139 -29.84 -6.37 -20.68
N ASP B 140 -30.09 -7.52 -20.06
CA ASP B 140 -31.45 -7.88 -19.70
C ASP B 140 -31.80 -7.20 -18.38
N SER B 141 -32.84 -6.38 -18.42
CA SER B 141 -33.29 -5.66 -17.22
C SER B 141 -34.77 -5.34 -17.39
N ASN B 142 -35.41 -4.87 -16.34
CA ASN B 142 -36.83 -4.54 -16.47
C ASN B 142 -37.05 -3.49 -17.55
N LEU B 143 -36.12 -2.55 -17.68
CA LEU B 143 -36.25 -1.51 -18.70
C LEU B 143 -36.16 -2.07 -20.12
N GLN B 144 -35.20 -2.95 -20.36
CA GLN B 144 -35.04 -3.55 -21.69
C GLN B 144 -36.26 -4.40 -22.03
N ARG B 145 -36.90 -4.98 -21.03
CA ARG B 145 -38.08 -5.80 -21.26
C ARG B 145 -39.33 -5.00 -21.60
N THR B 146 -39.26 -3.68 -21.54
CA THR B 146 -40.42 -2.86 -21.88
C THR B 146 -40.46 -2.70 -23.39
N GLY B 147 -39.32 -3.00 -24.03
CA GLY B 147 -39.21 -2.87 -25.47
C GLY B 147 -37.84 -2.32 -25.84
N ASN B 148 -37.30 -2.81 -26.94
CA ASN B 148 -35.99 -2.39 -27.42
C ASN B 148 -35.87 -0.89 -27.65
N ASP B 149 -37.00 -0.23 -27.85
CA ASP B 149 -37.00 1.20 -28.09
C ASP B 149 -36.92 2.07 -26.82
N TRP B 150 -36.78 1.44 -25.66
CA TRP B 150 -36.74 2.22 -24.41
C TRP B 150 -35.64 3.26 -24.35
N ILE B 151 -34.48 2.98 -24.93
CA ILE B 151 -33.37 3.92 -24.91
C ILE B 151 -33.69 5.16 -25.75
N GLU B 152 -34.26 4.92 -26.93
CA GLU B 152 -34.63 5.99 -27.85
C GLU B 152 -35.68 6.89 -27.20
N VAL B 153 -36.68 6.28 -26.58
CA VAL B 153 -37.75 7.02 -25.92
C VAL B 153 -37.17 7.87 -24.78
N ALA B 154 -36.21 7.32 -24.05
CA ALA B 154 -35.59 8.07 -22.96
C ALA B 154 -34.92 9.33 -23.52
N PHE B 155 -34.24 9.21 -24.64
CA PHE B 155 -33.56 10.37 -25.23
C PHE B 155 -34.52 11.40 -25.81
N ARG B 156 -35.52 10.95 -26.55
CA ARG B 156 -36.50 11.90 -27.11
C ARG B 156 -37.17 12.64 -25.97
N THR B 157 -37.47 11.93 -24.89
CA THR B 157 -38.12 12.54 -23.73
C THR B 157 -37.24 13.60 -23.11
N ALA B 158 -35.95 13.28 -22.95
CA ALA B 158 -35.00 14.21 -22.35
C ALA B 158 -34.83 15.49 -23.18
N ARG B 159 -34.75 15.34 -24.50
CA ARG B 159 -34.57 16.51 -25.37
C ARG B 159 -35.72 17.51 -25.21
N ALA B 160 -36.94 17.01 -25.08
CA ALA B 160 -38.10 17.87 -24.91
C ALA B 160 -38.14 18.52 -23.53
N ALA B 161 -37.65 17.80 -22.52
CA ALA B 161 -37.63 18.30 -21.14
C ALA B 161 -36.66 19.48 -20.96
N ASP B 162 -35.46 19.33 -21.52
CA ASP B 162 -34.45 20.38 -21.42
C ASP B 162 -33.61 20.39 -22.68
N PRO B 163 -33.97 21.23 -23.66
CA PRO B 163 -33.24 21.34 -24.93
C PRO B 163 -31.83 21.90 -24.77
N ALA B 164 -31.55 22.51 -23.63
CA ALA B 164 -30.25 23.13 -23.39
C ALA B 164 -29.14 22.18 -22.97
N ALA B 165 -29.50 20.99 -22.50
CA ALA B 165 -28.51 20.02 -22.04
C ALA B 165 -28.02 19.05 -23.12
N LYS B 166 -26.73 18.71 -23.05
CA LYS B 166 -26.18 17.73 -23.98
C LYS B 166 -26.62 16.38 -23.44
N LEU B 167 -27.17 15.54 -24.29
CA LEU B 167 -27.64 14.22 -23.86
C LEU B 167 -26.63 13.14 -24.20
N CYS B 168 -26.10 12.49 -23.16
CA CYS B 168 -25.10 11.43 -23.34
C CYS B 168 -25.59 10.04 -22.98
N TYR B 169 -24.98 9.06 -23.64
CA TYR B 169 -25.23 7.65 -23.35
C TYR B 169 -23.93 7.32 -22.59
N ASN B 170 -24.01 6.64 -21.46
CA ASN B 170 -22.82 6.36 -20.65
C ASN B 170 -22.67 4.86 -20.36
N ASP B 171 -21.45 4.33 -20.48
CA ASP B 171 -21.20 2.91 -20.24
C ASP B 171 -19.74 2.61 -19.94
N TYR B 172 -19.47 1.41 -19.45
CA TYR B 172 -18.10 0.98 -19.16
C TYR B 172 -17.72 -0.18 -20.10
N ASN B 173 -16.42 -0.45 -20.19
CA ASN B 173 -15.90 -1.50 -21.05
C ASN B 173 -16.25 -1.30 -22.52
N ILE B 174 -16.17 -0.04 -22.95
CA ILE B 174 -16.43 0.31 -24.35
C ILE B 174 -15.28 1.19 -24.80
N GLU B 175 -14.14 1.06 -24.12
CA GLU B 175 -12.94 1.83 -24.43
C GLU B 175 -12.06 1.16 -25.48
N ASN B 176 -11.96 -0.16 -25.42
CA ASN B 176 -11.15 -0.94 -26.36
C ASN B 176 -12.01 -1.19 -27.61
N TRP B 177 -11.51 -0.74 -28.77
CA TRP B 177 -12.27 -0.91 -30.00
C TRP B 177 -12.66 -2.32 -30.39
N THR B 178 -11.80 -3.29 -30.11
CA THR B 178 -12.08 -4.67 -30.49
C THR B 178 -13.19 -5.37 -29.73
N TRP B 179 -13.57 -4.86 -28.55
CA TRP B 179 -14.63 -5.49 -27.78
C TRP B 179 -15.98 -5.40 -28.47
N ALA B 180 -16.77 -6.47 -28.37
CA ALA B 180 -18.10 -6.53 -28.99
C ALA B 180 -19.04 -5.49 -28.41
N LYS B 181 -18.88 -5.21 -27.11
CA LYS B 181 -19.72 -4.24 -26.43
C LYS B 181 -19.52 -2.86 -27.05
N THR B 182 -18.26 -2.52 -27.30
CA THR B 182 -17.90 -1.23 -27.88
C THR B 182 -18.60 -1.05 -29.21
N GLN B 183 -18.47 -2.06 -30.06
CA GLN B 183 -19.07 -2.01 -31.38
C GLN B 183 -20.58 -2.05 -31.37
N GLY B 184 -21.14 -2.68 -30.34
CA GLY B 184 -22.59 -2.73 -30.23
C GLY B 184 -23.09 -1.32 -29.93
N VAL B 185 -22.37 -0.61 -29.06
CA VAL B 185 -22.74 0.75 -28.72
C VAL B 185 -22.54 1.65 -29.95
N TYR B 186 -21.46 1.42 -30.68
CA TYR B 186 -21.19 2.22 -31.88
C TYR B 186 -22.36 2.12 -32.86
N ASN B 187 -22.83 0.90 -33.10
CA ASN B 187 -23.94 0.68 -34.02
C ASN B 187 -25.24 1.35 -33.59
N MET B 188 -25.49 1.38 -32.28
CA MET B 188 -26.69 2.00 -31.78
C MET B 188 -26.64 3.51 -32.04
N VAL B 189 -25.50 4.14 -31.73
CA VAL B 189 -25.35 5.57 -31.94
C VAL B 189 -25.49 5.91 -33.42
N ARG B 190 -24.88 5.09 -34.27
CA ARG B 190 -24.97 5.31 -35.71
C ARG B 190 -26.43 5.27 -36.15
N ASP B 191 -27.16 4.29 -35.64
CA ASP B 191 -28.57 4.13 -35.94
C ASP B 191 -29.38 5.34 -35.48
N PHE B 192 -29.11 5.79 -34.26
CA PHE B 192 -29.81 6.94 -33.70
C PHE B 192 -29.55 8.18 -34.55
N LYS B 193 -28.29 8.40 -34.90
CA LYS B 193 -27.92 9.55 -35.70
C LYS B 193 -28.55 9.52 -37.08
N GLN B 194 -28.72 8.33 -37.65
CA GLN B 194 -29.33 8.23 -38.97
C GLN B 194 -30.84 8.46 -38.91
N ARG B 195 -31.48 8.01 -37.83
CA ARG B 195 -32.93 8.17 -37.70
C ARG B 195 -33.35 9.45 -37.00
N GLY B 196 -32.38 10.27 -36.64
CA GLY B 196 -32.70 11.53 -35.99
C GLY B 196 -32.98 11.48 -34.50
N VAL B 197 -32.60 10.39 -33.83
CA VAL B 197 -32.81 10.31 -32.38
C VAL B 197 -31.81 11.28 -31.74
N PRO B 198 -32.30 12.14 -30.84
CA PRO B 198 -31.42 13.12 -30.18
C PRO B 198 -30.41 12.60 -29.16
N ILE B 199 -29.15 12.52 -29.60
CA ILE B 199 -28.07 12.09 -28.73
C ILE B 199 -26.88 12.98 -29.09
N ASP B 200 -26.30 13.64 -28.08
CA ASP B 200 -25.20 14.56 -28.32
C ASP B 200 -23.82 14.04 -27.94
N CYS B 201 -23.78 13.05 -27.04
CA CYS B 201 -22.50 12.56 -26.57
C CYS B 201 -22.51 11.14 -26.09
N VAL B 202 -21.32 10.57 -26.03
CA VAL B 202 -21.15 9.22 -25.52
C VAL B 202 -20.10 9.32 -24.43
N GLY B 203 -20.46 8.85 -23.23
CA GLY B 203 -19.53 8.88 -22.12
C GLY B 203 -18.84 7.55 -21.92
N PHE B 204 -17.52 7.57 -21.88
CA PHE B 204 -16.74 6.36 -21.66
C PHE B 204 -16.33 6.40 -20.20
N GLN B 205 -16.91 5.54 -19.39
CA GLN B 205 -16.60 5.53 -17.96
C GLN B 205 -15.11 5.36 -17.72
N SER B 206 -14.49 4.51 -18.54
CA SER B 206 -13.08 4.22 -18.45
C SER B 206 -12.54 3.88 -17.05
N HIS B 207 -13.04 2.76 -16.51
CA HIS B 207 -12.58 2.24 -15.23
C HIS B 207 -11.56 1.17 -15.66
N PHE B 208 -10.29 1.51 -15.55
CA PHE B 208 -9.25 0.58 -15.96
C PHE B 208 -8.57 -0.16 -14.81
N ASN B 209 -8.27 -1.44 -15.04
CA ASN B 209 -7.59 -2.29 -14.07
C ASN B 209 -6.93 -3.42 -14.86
N SER B 210 -6.21 -4.31 -14.17
CA SER B 210 -5.53 -5.39 -14.89
C SER B 210 -6.50 -6.39 -15.53
N GLY B 211 -7.76 -6.34 -15.13
CA GLY B 211 -8.74 -7.23 -15.70
C GLY B 211 -9.30 -6.59 -16.98
N SER B 212 -9.30 -5.26 -17.02
CA SER B 212 -9.78 -4.53 -18.18
C SER B 212 -8.86 -3.32 -18.32
N PRO B 213 -7.63 -3.56 -18.79
CA PRO B 213 -6.61 -2.53 -18.98
C PRO B 213 -6.82 -1.56 -20.12
N TYR B 214 -6.20 -0.40 -19.99
CA TYR B 214 -6.24 0.63 -21.00
C TYR B 214 -5.50 0.10 -22.22
N ASN B 215 -5.98 0.45 -23.40
CA ASN B 215 -5.33 0.03 -24.63
C ASN B 215 -5.22 1.26 -25.52
N SER B 216 -4.07 1.44 -26.16
CA SER B 216 -3.87 2.61 -27.01
C SER B 216 -4.90 2.78 -28.13
N ASN B 217 -5.61 1.71 -28.50
CA ASN B 217 -6.60 1.86 -29.56
C ASN B 217 -7.81 2.65 -29.08
N PHE B 218 -7.77 3.06 -27.81
CA PHE B 218 -8.85 3.85 -27.23
C PHE B 218 -8.98 5.16 -28.01
N ARG B 219 -7.85 5.65 -28.54
CA ARG B 219 -7.89 6.88 -29.31
C ARG B 219 -8.67 6.67 -30.60
N THR B 220 -8.56 5.50 -31.23
CA THR B 220 -9.30 5.27 -32.47
C THR B 220 -10.79 5.12 -32.12
N THR B 221 -11.07 4.53 -30.96
CA THR B 221 -12.45 4.36 -30.52
C THR B 221 -13.10 5.75 -30.41
N LEU B 222 -12.41 6.69 -29.77
CA LEU B 222 -12.91 8.04 -29.62
C LEU B 222 -13.13 8.72 -30.95
N GLN B 223 -12.18 8.56 -31.87
CA GLN B 223 -12.31 9.17 -33.19
C GLN B 223 -13.52 8.60 -33.95
N ASN B 224 -13.68 7.28 -33.88
CA ASN B 224 -14.80 6.63 -34.57
C ASN B 224 -16.16 7.15 -34.12
N PHE B 225 -16.34 7.35 -32.81
CA PHE B 225 -17.62 7.86 -32.34
C PHE B 225 -17.75 9.33 -32.72
N ALA B 226 -16.68 10.09 -32.56
CA ALA B 226 -16.71 11.50 -32.91
C ALA B 226 -17.09 11.66 -34.39
N ALA B 227 -16.64 10.74 -35.23
CA ALA B 227 -16.94 10.81 -36.66
C ALA B 227 -18.44 10.72 -36.92
N LEU B 228 -19.19 10.18 -35.97
CA LEU B 228 -20.64 10.05 -36.11
C LEU B 228 -21.37 11.36 -35.85
N GLY B 229 -20.65 12.36 -35.36
CA GLY B 229 -21.27 13.64 -35.08
C GLY B 229 -21.71 13.82 -33.63
N VAL B 230 -21.07 13.10 -32.72
CA VAL B 230 -21.38 13.23 -31.29
C VAL B 230 -20.10 13.59 -30.56
N ASP B 231 -20.24 14.26 -29.41
CA ASP B 231 -19.07 14.60 -28.62
C ASP B 231 -18.76 13.37 -27.78
N VAL B 232 -17.54 13.30 -27.26
CA VAL B 232 -17.16 12.18 -26.42
C VAL B 232 -16.56 12.70 -25.14
N ALA B 233 -16.69 11.94 -24.06
CA ALA B 233 -16.13 12.36 -22.77
C ALA B 233 -15.72 11.18 -21.91
N ILE B 234 -14.67 11.39 -21.11
CA ILE B 234 -14.20 10.36 -20.20
C ILE B 234 -14.96 10.77 -18.94
N THR B 235 -15.93 9.96 -18.55
CA THR B 235 -16.80 10.28 -17.43
C THR B 235 -16.55 9.77 -16.01
N GLU B 236 -15.88 8.62 -15.86
CA GLU B 236 -15.65 8.07 -14.52
C GLU B 236 -14.28 7.43 -14.41
N LEU B 237 -13.26 8.17 -14.84
CA LEU B 237 -11.91 7.65 -14.84
C LEU B 237 -11.23 7.32 -13.51
N ASP B 238 -10.68 6.11 -13.46
CA ASP B 238 -9.86 5.64 -12.35
C ASP B 238 -9.01 4.51 -12.92
N ILE B 239 -7.79 4.41 -12.44
CA ILE B 239 -6.86 3.40 -12.95
C ILE B 239 -6.21 2.64 -11.81
N GLN B 240 -6.46 1.35 -11.75
CA GLN B 240 -5.89 0.52 -10.70
C GLN B 240 -4.38 0.72 -10.62
N GLY B 241 -3.91 1.18 -9.47
CA GLY B 241 -2.48 1.39 -9.30
C GLY B 241 -2.06 2.81 -9.66
N ALA B 242 -2.93 3.53 -10.34
CA ALA B 242 -2.65 4.91 -10.72
C ALA B 242 -1.31 5.11 -11.44
N SER B 243 -1.03 4.28 -12.44
CA SER B 243 0.21 4.42 -13.20
C SER B 243 0.27 5.81 -13.83
N SER B 244 1.43 6.45 -13.75
CA SER B 244 1.62 7.78 -14.33
C SER B 244 1.50 7.78 -15.85
N SER B 245 2.14 6.80 -16.49
CA SER B 245 2.10 6.70 -17.95
C SER B 245 0.69 6.51 -18.46
N THR B 246 -0.05 5.62 -17.83
CA THR B 246 -1.42 5.34 -18.23
C THR B 246 -2.32 6.55 -18.05
N TYR B 247 -2.18 7.26 -16.93
CA TYR B 247 -2.98 8.46 -16.68
C TYR B 247 -2.66 9.51 -17.73
N ALA B 248 -1.38 9.64 -18.06
CA ALA B 248 -0.94 10.61 -19.07
C ALA B 248 -1.43 10.17 -20.45
N ALA B 249 -1.41 8.87 -20.71
CA ALA B 249 -1.84 8.33 -21.99
C ALA B 249 -3.32 8.64 -22.25
N VAL B 250 -4.16 8.38 -21.25
CA VAL B 250 -5.60 8.65 -21.37
C VAL B 250 -5.86 10.14 -21.61
N THR B 251 -5.12 10.99 -20.90
CA THR B 251 -5.26 12.44 -21.03
C THR B 251 -4.90 12.89 -22.46
N ASN B 252 -3.79 12.38 -22.99
CA ASN B 252 -3.36 12.73 -24.34
C ASN B 252 -4.32 12.23 -25.41
N ASP B 253 -5.00 11.12 -25.14
CA ASP B 253 -5.95 10.60 -26.11
C ASP B 253 -7.11 11.58 -26.28
N CYS B 254 -7.57 12.15 -25.16
CA CYS B 254 -8.66 13.11 -25.19
C CYS B 254 -8.22 14.41 -25.85
N LEU B 255 -6.97 14.80 -25.61
CA LEU B 255 -6.44 16.03 -26.19
C LEU B 255 -6.23 15.92 -27.70
N ALA B 256 -6.12 14.69 -28.20
CA ALA B 256 -5.92 14.44 -29.62
C ALA B 256 -7.21 14.50 -30.42
N VAL B 257 -8.35 14.33 -29.74
CA VAL B 257 -9.65 14.34 -30.40
C VAL B 257 -10.36 15.66 -30.13
N SER B 258 -10.51 16.48 -31.17
CA SER B 258 -11.14 17.78 -31.00
C SER B 258 -12.49 17.73 -30.29
N ARG B 259 -13.23 16.64 -30.48
CA ARG B 259 -14.54 16.50 -29.88
C ARG B 259 -14.57 15.91 -28.46
N CYS B 260 -13.41 15.65 -27.86
CA CYS B 260 -13.39 15.13 -26.50
C CYS B 260 -13.56 16.33 -25.56
N LEU B 261 -14.75 16.44 -24.95
CA LEU B 261 -15.10 17.56 -24.08
C LEU B 261 -14.26 17.75 -22.83
N GLY B 262 -13.82 16.65 -22.25
CA GLY B 262 -13.03 16.76 -21.05
C GLY B 262 -12.93 15.44 -20.32
N ILE B 263 -12.38 15.49 -19.12
CA ILE B 263 -12.17 14.30 -18.32
C ILE B 263 -12.66 14.48 -16.89
N THR B 264 -13.29 13.44 -16.34
CA THR B 264 -13.76 13.45 -14.97
C THR B 264 -13.18 12.22 -14.28
N VAL B 265 -12.47 12.40 -13.16
CA VAL B 265 -11.94 11.24 -12.43
C VAL B 265 -13.01 10.93 -11.40
N TRP B 266 -13.25 9.65 -11.16
CA TRP B 266 -14.30 9.24 -10.25
C TRP B 266 -13.95 9.33 -8.76
N GLY B 267 -13.77 10.55 -8.28
CA GLY B 267 -13.45 10.78 -6.89
C GLY B 267 -12.27 11.71 -6.69
N VAL B 268 -12.12 12.17 -5.44
CA VAL B 268 -11.03 13.08 -5.08
C VAL B 268 -9.80 12.31 -4.59
N ARG B 269 -9.87 11.77 -3.37
CA ARG B 269 -8.76 11.01 -2.78
C ARG B 269 -8.99 9.51 -2.92
N ASP B 270 -7.91 8.72 -2.91
CA ASP B 270 -8.04 7.26 -3.02
C ASP B 270 -9.05 6.74 -2.00
N THR B 271 -9.05 7.31 -0.81
CA THR B 271 -9.94 6.88 0.25
C THR B 271 -11.41 7.20 -0.02
N ASP B 272 -11.67 8.08 -0.98
CA ASP B 272 -13.04 8.45 -1.32
C ASP B 272 -13.57 7.54 -2.44
N SER B 273 -12.69 6.73 -3.00
CA SER B 273 -13.04 5.84 -4.11
C SER B 273 -13.86 4.60 -3.76
N TRP B 274 -14.68 4.17 -4.71
CA TRP B 274 -15.50 2.98 -4.53
C TRP B 274 -14.57 1.77 -4.63
N ARG B 275 -13.32 2.03 -5.04
CA ARG B 275 -12.30 1.00 -5.19
C ARG B 275 -11.00 1.51 -4.56
N SER B 276 -11.09 2.00 -3.33
CA SER B 276 -9.95 2.54 -2.62
C SER B 276 -8.78 1.56 -2.52
N GLY B 277 -9.10 0.27 -2.43
CA GLY B 277 -8.06 -0.74 -2.34
C GLY B 277 -7.11 -0.73 -3.53
N ASP B 278 -7.56 -0.17 -4.64
CA ASP B 278 -6.74 -0.11 -5.84
C ASP B 278 -6.02 1.24 -5.99
N THR B 279 -6.18 2.11 -4.99
CA THR B 279 -5.56 3.45 -5.01
C THR B 279 -5.50 3.95 -6.46
N PRO B 280 -6.67 4.08 -7.10
CA PRO B 280 -6.79 4.51 -8.49
C PRO B 280 -6.95 5.99 -8.80
N LEU B 281 -6.82 6.86 -7.81
CA LEU B 281 -7.00 8.29 -8.01
C LEU B 281 -5.73 9.14 -7.99
N LEU B 282 -5.89 10.45 -8.13
CA LEU B 282 -4.76 11.38 -8.20
C LEU B 282 -4.25 11.96 -6.88
N PHE B 283 -5.00 11.76 -5.80
CA PHE B 283 -4.60 12.25 -4.48
C PHE B 283 -4.67 11.09 -3.51
N ASN B 284 -3.72 11.01 -2.58
CA ASN B 284 -3.73 9.91 -1.63
C ASN B 284 -4.65 10.25 -0.46
N GLY B 285 -4.79 9.32 0.47
CA GLY B 285 -5.63 9.54 1.63
C GLY B 285 -5.32 10.80 2.43
N ASP B 286 -4.04 11.17 2.49
CA ASP B 286 -3.61 12.36 3.21
C ASP B 286 -3.96 13.64 2.45
N GLY B 287 -4.37 13.49 1.20
CA GLY B 287 -4.71 14.64 0.39
C GLY B 287 -3.50 15.17 -0.37
N SER B 288 -2.47 14.35 -0.48
CA SER B 288 -1.25 14.75 -1.18
C SER B 288 -1.32 14.36 -2.66
N LYS B 289 -0.73 15.20 -3.51
CA LYS B 289 -0.70 14.94 -4.93
C LYS B 289 0.21 13.75 -5.19
N LYS B 290 -0.30 12.76 -5.90
CA LYS B 290 0.49 11.57 -6.22
C LYS B 290 1.31 11.82 -7.47
N ALA B 291 2.22 10.90 -7.77
CA ALA B 291 3.07 11.01 -8.95
C ALA B 291 2.20 11.16 -10.21
N ALA B 292 1.07 10.46 -10.24
CA ALA B 292 0.17 10.52 -11.38
C ALA B 292 -0.44 11.91 -11.58
N TYR B 293 -0.65 12.64 -10.49
CA TYR B 293 -1.21 13.99 -10.60
C TYR B 293 -0.33 14.86 -11.50
N THR B 294 0.97 14.82 -11.26
CA THR B 294 1.92 15.62 -12.03
C THR B 294 1.99 15.18 -13.49
N ALA B 295 1.81 13.87 -13.72
CA ALA B 295 1.84 13.34 -15.08
C ALA B 295 0.65 13.90 -15.87
N VAL B 296 -0.49 14.02 -15.23
CA VAL B 296 -1.69 14.54 -15.90
C VAL B 296 -1.54 16.04 -16.16
N LEU B 297 -1.11 16.78 -15.14
CA LEU B 297 -0.94 18.22 -15.27
C LEU B 297 0.01 18.55 -16.41
N ASN B 298 1.13 17.85 -16.48
CA ASN B 298 2.10 18.11 -17.53
C ASN B 298 1.55 17.81 -18.92
N ALA B 299 0.75 16.76 -19.04
CA ALA B 299 0.18 16.42 -20.34
C ALA B 299 -0.81 17.52 -20.74
N LEU B 300 -1.59 18.00 -19.77
CA LEU B 300 -2.57 19.05 -20.04
C LEU B 300 -1.86 20.32 -20.48
N ASN B 301 -0.70 20.58 -19.87
CA ASN B 301 0.07 21.78 -20.22
C ASN B 301 0.85 21.59 -21.52
N GLY B 302 0.59 20.49 -22.22
CA GLY B 302 1.24 20.27 -23.50
C GLY B 302 2.45 19.35 -23.53
N GLY B 303 3.02 19.07 -22.36
CA GLY B 303 4.19 18.21 -22.31
C GLY B 303 4.07 17.04 -23.27
N GLY B 313 18.81 6.77 -15.67
CA GLY B 313 19.51 8.01 -16.11
C GLY B 313 19.99 8.86 -14.94
N GLN B 314 20.86 9.82 -15.23
CA GLN B 314 21.40 10.70 -14.20
C GLN B 314 20.48 11.88 -13.87
N ILE B 315 20.61 12.37 -12.64
CA ILE B 315 19.84 13.50 -12.16
C ILE B 315 20.83 14.58 -11.75
N LYS B 316 21.10 15.50 -12.67
CA LYS B 316 22.04 16.58 -12.45
C LYS B 316 21.43 17.83 -11.83
N GLY B 317 22.11 18.38 -10.83
CA GLY B 317 21.64 19.60 -10.19
C GLY B 317 22.09 20.78 -11.03
N VAL B 318 21.27 21.82 -11.09
CA VAL B 318 21.63 23.00 -11.90
C VAL B 318 22.59 23.94 -11.20
N GLY B 319 22.27 24.31 -9.97
CA GLY B 319 23.15 25.22 -9.23
C GLY B 319 24.51 24.62 -8.94
N SER B 320 24.58 23.29 -8.87
CA SER B 320 25.84 22.61 -8.58
C SER B 320 26.52 22.11 -9.84
N GLY B 321 25.72 21.57 -10.75
CA GLY B 321 26.28 21.03 -11.99
C GLY B 321 26.69 19.59 -11.76
N ARG B 322 26.42 19.08 -10.56
CA ARG B 322 26.77 17.71 -10.19
C ARG B 322 25.57 16.76 -10.17
N CYS B 323 25.85 15.45 -10.15
CA CYS B 323 24.81 14.43 -10.15
C CYS B 323 24.48 13.81 -8.79
N LEU B 324 23.21 13.46 -8.61
CA LEU B 324 22.73 12.83 -7.37
C LEU B 324 23.58 11.56 -7.26
N ASP B 325 24.27 11.40 -6.14
CA ASP B 325 25.17 10.27 -6.01
C ASP B 325 25.13 9.48 -4.71
N VAL B 326 25.21 8.16 -4.84
CA VAL B 326 25.22 7.26 -3.68
C VAL B 326 26.69 7.03 -3.34
N PRO B 327 27.14 7.53 -2.18
CA PRO B 327 28.52 7.41 -1.71
C PRO B 327 29.17 6.04 -1.83
N ASN B 328 30.31 6.00 -2.52
CA ASN B 328 31.07 4.77 -2.67
C ASN B 328 30.29 3.63 -3.30
N ALA B 329 29.25 3.95 -4.06
CA ALA B 329 28.43 2.90 -4.69
C ALA B 329 27.98 1.88 -3.65
N SER B 330 27.66 2.37 -2.45
CA SER B 330 27.19 1.51 -1.36
C SER B 330 25.73 1.11 -1.60
N THR B 331 25.34 -0.02 -1.01
CA THR B 331 23.97 -0.51 -1.13
C THR B 331 23.34 -0.72 0.23
N THR B 332 23.99 -0.18 1.27
CA THR B 332 23.49 -0.31 2.64
C THR B 332 22.33 0.64 2.89
N ASP B 333 21.25 0.13 3.46
CA ASP B 333 20.09 0.98 3.76
C ASP B 333 20.52 2.07 4.72
N GLY B 334 19.96 3.26 4.57
CA GLY B 334 20.30 4.35 5.47
C GLY B 334 21.44 5.22 4.96
N THR B 335 22.00 4.88 3.81
CA THR B 335 23.08 5.65 3.22
C THR B 335 22.55 6.96 2.64
N GLN B 336 23.02 8.08 3.18
CA GLN B 336 22.59 9.40 2.72
C GLN B 336 23.15 9.69 1.33
N VAL B 337 22.31 10.23 0.46
CA VAL B 337 22.73 10.55 -0.90
C VAL B 337 23.42 11.92 -0.93
N GLN B 338 24.26 12.13 -1.93
CA GLN B 338 25.01 13.38 -2.05
C GLN B 338 25.20 13.82 -3.50
N LEU B 339 25.90 14.93 -3.67
CA LEU B 339 26.22 15.47 -4.98
C LEU B 339 27.64 14.99 -5.29
N TYR B 340 27.93 14.73 -6.56
CA TYR B 340 29.26 14.27 -6.93
C TYR B 340 29.48 14.35 -8.43
N ASP B 341 30.73 14.50 -8.83
CA ASP B 341 31.10 14.58 -10.25
C ASP B 341 30.35 13.50 -11.02
N CYS B 342 29.56 13.94 -11.99
CA CYS B 342 28.79 13.02 -12.81
C CYS B 342 29.71 12.06 -13.55
N HIS B 343 29.17 10.91 -13.92
CA HIS B 343 29.91 9.88 -14.65
C HIS B 343 29.07 8.60 -14.68
N SER B 344 29.13 7.90 -15.81
CA SER B 344 28.36 6.68 -15.96
C SER B 344 28.75 5.63 -14.93
N ALA B 345 27.89 5.45 -13.93
CA ALA B 345 28.09 4.49 -12.86
C ALA B 345 26.70 4.21 -12.27
N THR B 346 26.39 2.93 -12.05
CA THR B 346 25.10 2.55 -11.51
C THR B 346 24.68 3.41 -10.31
N ASN B 347 25.65 3.73 -9.46
CA ASN B 347 25.35 4.54 -8.26
C ASN B 347 24.98 5.98 -8.59
N GLN B 348 24.69 6.25 -9.86
CA GLN B 348 24.27 7.58 -10.31
C GLN B 348 23.16 7.43 -11.34
N GLN B 349 22.76 6.19 -11.60
CA GLN B 349 21.70 5.89 -12.54
C GLN B 349 20.39 5.75 -11.78
N TRP B 350 19.43 6.62 -12.04
CA TRP B 350 18.15 6.56 -11.35
C TRP B 350 16.99 6.32 -12.30
N THR B 351 16.11 5.40 -11.93
CA THR B 351 14.95 5.12 -12.76
C THR B 351 13.69 5.65 -12.09
N TYR B 352 12.90 6.41 -12.83
CA TYR B 352 11.65 6.95 -12.29
C TYR B 352 10.56 5.98 -12.76
N THR B 353 9.86 5.37 -11.81
CA THR B 353 8.81 4.41 -12.15
C THR B 353 7.42 5.03 -12.22
N ASP B 354 6.47 4.27 -12.76
CA ASP B 354 5.09 4.74 -12.86
C ASP B 354 4.49 5.01 -11.50
N ALA B 355 5.03 4.32 -10.49
CA ALA B 355 4.57 4.46 -9.12
C ALA B 355 5.12 5.76 -8.53
N GLY B 356 6.16 6.30 -9.17
CA GLY B 356 6.75 7.54 -8.69
C GLY B 356 7.99 7.39 -7.82
N GLU B 357 8.64 6.25 -7.92
CA GLU B 357 9.86 6.00 -7.15
C GLU B 357 11.09 6.37 -7.98
N LEU B 358 12.18 6.65 -7.29
CA LEU B 358 13.45 6.93 -7.96
C LEU B 358 14.32 5.76 -7.51
N ARG B 359 14.43 4.76 -8.37
CA ARG B 359 15.19 3.57 -8.06
C ARG B 359 16.65 3.61 -8.48
N VAL B 360 17.47 2.90 -7.71
CA VAL B 360 18.90 2.78 -7.97
C VAL B 360 19.30 1.35 -7.61
N TYR B 361 20.13 0.73 -8.44
CA TYR B 361 20.57 -0.64 -8.22
C TYR B 361 19.41 -1.61 -8.47
N GLY B 362 18.36 -1.12 -9.10
CA GLY B 362 17.22 -1.96 -9.40
C GLY B 362 16.19 -2.15 -8.31
N ASP B 363 16.63 -2.27 -7.06
CA ASP B 363 15.66 -2.47 -5.99
C ASP B 363 15.84 -1.58 -4.76
N LYS B 364 16.64 -0.53 -4.90
CA LYS B 364 16.82 0.42 -3.81
C LYS B 364 16.06 1.68 -4.19
N CYS B 365 15.50 2.37 -3.20
CA CYS B 365 14.70 3.56 -3.46
C CYS B 365 15.15 4.83 -2.75
N LEU B 366 15.04 5.96 -3.45
CA LEU B 366 15.37 7.25 -2.85
C LEU B 366 14.32 7.32 -1.75
N ASP B 367 14.78 7.42 -0.51
CA ASP B 367 13.90 7.38 0.64
C ASP B 367 14.03 8.57 1.61
N ALA B 368 12.89 9.09 2.06
CA ALA B 368 12.90 10.20 3.01
C ALA B 368 12.60 9.64 4.40
N ALA B 369 13.50 9.89 5.34
CA ALA B 369 13.35 9.39 6.71
C ALA B 369 12.66 10.38 7.63
N GLY B 370 11.68 11.11 7.10
CA GLY B 370 10.96 12.09 7.90
C GLY B 370 10.11 12.95 7.00
N THR B 371 9.39 13.93 7.57
CA THR B 371 8.54 14.79 6.76
C THR B 371 8.79 16.28 6.93
N GLY B 372 9.77 16.66 7.73
CA GLY B 372 10.04 18.07 7.94
C GLY B 372 11.34 18.53 7.31
N ASN B 373 11.64 19.82 7.44
CA ASN B 373 12.88 20.37 6.90
C ASN B 373 14.10 19.75 7.56
N GLY B 374 15.15 19.54 6.77
CA GLY B 374 16.36 18.93 7.30
C GLY B 374 16.32 17.42 7.26
N THR B 375 15.16 16.86 6.90
CA THR B 375 15.03 15.41 6.81
C THR B 375 16.08 14.84 5.88
N LYS B 376 16.72 13.77 6.35
CA LYS B 376 17.76 13.09 5.60
C LYS B 376 17.21 12.28 4.43
N VAL B 377 17.74 12.51 3.24
CA VAL B 377 17.32 11.78 2.04
C VAL B 377 18.39 10.72 1.79
N GLN B 378 17.95 9.47 1.77
CA GLN B 378 18.85 8.32 1.62
C GLN B 378 18.26 7.26 0.70
N ILE B 379 18.88 6.09 0.70
CA ILE B 379 18.38 4.97 -0.09
C ILE B 379 17.92 3.94 0.93
N TYR B 380 16.95 3.13 0.56
CA TYR B 380 16.40 2.11 1.44
C TYR B 380 15.67 1.11 0.55
N SER B 381 15.50 -0.11 1.04
CA SER B 381 14.80 -1.14 0.28
C SER B 381 13.45 -0.60 -0.16
N CYS B 382 13.13 -0.75 -1.44
CA CYS B 382 11.86 -0.28 -1.98
C CYS B 382 10.69 -1.09 -1.42
N TRP B 383 9.61 -0.40 -1.02
CA TRP B 383 8.44 -1.09 -0.50
C TRP B 383 7.11 -0.40 -0.82
N GLY B 384 7.17 0.78 -1.40
CA GLY B 384 5.94 1.48 -1.76
C GLY B 384 5.44 2.56 -0.82
N GLY B 385 6.23 2.93 0.18
CA GLY B 385 5.79 3.97 1.09
C GLY B 385 5.73 5.31 0.37
N ASP B 386 4.87 6.22 0.83
CA ASP B 386 4.75 7.54 0.21
C ASP B 386 6.01 8.35 0.43
N ASN B 387 6.86 7.89 1.36
CA ASN B 387 8.11 8.57 1.65
C ASN B 387 9.17 8.12 0.64
N GLN B 388 8.77 7.25 -0.29
CA GLN B 388 9.68 6.76 -1.33
C GLN B 388 9.11 7.16 -2.67
N LYS B 389 8.17 8.10 -2.66
CA LYS B 389 7.53 8.56 -3.88
C LYS B 389 7.79 10.03 -4.10
N TRP B 390 8.12 10.35 -5.35
CA TRP B 390 8.47 11.71 -5.72
C TRP B 390 7.74 12.22 -6.95
N ARG B 391 7.58 13.54 -7.02
CA ARG B 391 6.93 14.18 -8.16
C ARG B 391 7.97 15.04 -8.84
N LEU B 392 8.16 14.81 -10.13
CA LEU B 392 9.12 15.57 -10.91
C LEU B 392 8.42 16.73 -11.61
N ASN B 393 8.42 17.90 -10.99
CA ASN B 393 7.77 19.07 -11.57
C ASN B 393 8.47 19.57 -12.83
N SER B 394 7.70 20.28 -13.67
CA SER B 394 8.23 20.82 -14.90
C SER B 394 9.18 21.97 -14.62
N ASP B 395 9.13 22.53 -13.42
CA ASP B 395 10.01 23.63 -13.06
C ASP B 395 11.38 23.10 -12.65
N GLY B 396 11.55 21.78 -12.73
CA GLY B 396 12.82 21.18 -12.38
C GLY B 396 12.96 20.73 -10.92
N SER B 397 11.95 20.99 -10.11
CA SER B 397 12.01 20.58 -8.70
C SER B 397 11.48 19.16 -8.51
N ILE B 398 11.97 18.50 -7.47
CA ILE B 398 11.55 17.13 -7.14
C ILE B 398 10.91 17.19 -5.76
N VAL B 399 9.61 16.95 -5.69
CA VAL B 399 8.87 17.02 -4.45
C VAL B 399 8.50 15.65 -3.87
N GLY B 400 8.66 15.50 -2.57
CA GLY B 400 8.32 14.25 -1.93
C GLY B 400 6.82 14.16 -1.73
N VAL B 401 6.20 13.11 -2.25
CA VAL B 401 4.76 12.94 -2.13
C VAL B 401 4.25 13.04 -0.70
N GLN B 402 4.93 12.40 0.23
CA GLN B 402 4.50 12.42 1.63
C GLN B 402 4.72 13.72 2.39
N SER B 403 5.90 14.33 2.24
CA SER B 403 6.21 15.56 2.94
C SER B 403 5.84 16.84 2.19
N GLY B 404 5.80 16.76 0.87
CA GLY B 404 5.47 17.94 0.10
C GLY B 404 6.67 18.89 0.06
N LEU B 405 7.81 18.39 0.52
CA LEU B 405 9.06 19.16 0.53
C LEU B 405 9.92 18.82 -0.68
N CYS B 406 10.81 19.73 -1.04
CA CYS B 406 11.70 19.57 -2.19
C CYS B 406 13.08 18.99 -1.87
N LEU B 407 13.69 18.34 -2.86
CA LEU B 407 15.04 17.80 -2.71
C LEU B 407 15.92 19.04 -2.62
N ASP B 408 16.69 19.13 -1.56
CA ASP B 408 17.52 20.30 -1.33
C ASP B 408 18.98 19.98 -1.06
N ALA B 409 19.88 20.68 -1.75
CA ALA B 409 21.32 20.49 -1.55
C ALA B 409 21.67 21.40 -0.37
N VAL B 410 21.88 20.79 0.79
CA VAL B 410 22.19 21.52 2.02
C VAL B 410 23.00 22.81 1.87
N GLY B 411 22.52 23.85 2.54
CA GLY B 411 23.19 25.14 2.51
C GLY B 411 23.46 25.73 1.15
N GLY B 412 23.01 25.04 0.10
CA GLY B 412 23.25 25.53 -1.24
C GLY B 412 24.61 25.10 -1.75
N GLY B 413 25.22 24.16 -1.05
CA GLY B 413 26.52 23.66 -1.45
C GLY B 413 26.55 23.25 -2.91
N THR B 414 27.75 23.07 -3.46
CA THR B 414 27.88 22.69 -4.86
C THR B 414 29.04 21.73 -5.13
N ALA B 415 29.87 21.50 -4.11
CA ALA B 415 31.01 20.61 -4.26
C ALA B 415 30.66 19.16 -4.01
N ASN B 416 31.59 18.26 -4.31
CA ASN B 416 31.37 16.84 -4.09
C ASN B 416 31.14 16.66 -2.60
N GLY B 417 30.37 15.64 -2.24
CA GLY B 417 30.11 15.39 -0.83
C GLY B 417 28.97 16.19 -0.24
N THR B 418 28.41 17.12 -1.01
CA THR B 418 27.29 17.92 -0.51
C THR B 418 26.09 17.01 -0.30
N LEU B 419 25.53 17.04 0.90
CA LEU B 419 24.40 16.20 1.25
C LEU B 419 23.04 16.70 0.81
N ILE B 420 22.16 15.75 0.47
CA ILE B 420 20.81 16.06 0.02
C ILE B 420 19.81 15.88 1.17
N GLN B 421 18.90 16.84 1.29
CA GLN B 421 17.89 16.83 2.34
C GLN B 421 16.53 17.28 1.80
N LEU B 422 15.56 17.37 2.71
CA LEU B 422 14.22 17.84 2.37
C LEU B 422 14.12 19.24 2.96
N TYR B 423 13.61 20.18 2.18
CA TYR B 423 13.48 21.56 2.65
C TYR B 423 12.31 22.22 1.94
N SER B 424 11.77 23.27 2.56
CA SER B 424 10.65 23.99 1.96
C SER B 424 11.05 24.34 0.55
N CYS B 425 10.15 24.12 -0.40
CA CYS B 425 10.45 24.44 -1.79
C CYS B 425 10.57 25.95 -1.95
N SER B 426 11.74 26.40 -2.41
CA SER B 426 12.00 27.82 -2.60
C SER B 426 12.34 28.10 -4.05
N ASN B 427 12.33 27.04 -4.86
CA ASN B 427 12.62 27.16 -6.28
C ASN B 427 14.06 27.68 -6.46
N GLY B 428 14.89 27.48 -5.44
CA GLY B 428 16.26 27.91 -5.52
C GLY B 428 16.98 27.05 -6.55
N SER B 429 18.18 27.43 -6.94
CA SER B 429 18.93 26.68 -7.93
C SER B 429 19.47 25.38 -7.33
N ASN B 430 19.47 25.29 -6.01
CA ASN B 430 19.95 24.09 -5.32
C ASN B 430 18.79 23.12 -5.09
N GLN B 431 17.65 23.40 -5.74
CA GLN B 431 16.47 22.56 -5.63
C GLN B 431 15.94 22.22 -7.01
N ARG B 432 16.67 22.67 -8.04
CA ARG B 432 16.26 22.40 -9.40
C ARG B 432 17.17 21.34 -10.00
N TRP B 433 16.58 20.37 -10.69
CA TRP B 433 17.34 19.28 -11.28
C TRP B 433 16.93 19.01 -12.72
N THR B 434 17.90 18.62 -13.54
CA THR B 434 17.65 18.31 -14.94
C THR B 434 17.94 16.83 -15.16
N ARG B 435 17.22 16.23 -16.11
CA ARG B 435 17.41 14.83 -16.42
C ARG B 435 18.48 14.64 -17.50
N THR B 436 19.38 13.69 -17.26
CA THR B 436 20.46 13.39 -18.19
C THR B 436 20.55 11.87 -18.39
O4 BGC C . 10.60 -11.87 -30.66
C1 GAL C . 10.46 -13.14 -30.13
C2 GAL C . 10.98 -13.16 -28.68
C3 GAL C . 10.77 -14.56 -28.11
C4 GAL C . 9.30 -14.88 -28.15
C5 GAL C . 8.81 -14.82 -29.60
C6 GAL C . 7.33 -15.09 -29.74
O2 GAL C . 12.36 -12.83 -28.67
O3 GAL C . 11.25 -14.59 -26.77
O4 GAL C . 8.57 -13.95 -27.36
O5 GAL C . 9.06 -13.49 -30.15
O6 GAL C . 6.86 -14.75 -31.04
O4 BGC D . -4.81 -30.20 -13.64
C1 GAL D . -5.09 -28.93 -14.10
C2 GAL D . -3.97 -28.43 -15.01
C3 GAL D . -4.32 -27.06 -15.55
C4 GAL D . -5.63 -27.17 -16.32
C5 GAL D . -6.72 -27.69 -15.38
C6 GAL D . -8.06 -27.87 -16.07
O2 GAL D . -2.75 -28.36 -14.27
O3 GAL D . -3.30 -26.60 -16.41
O4 GAL D . -5.48 -28.07 -17.41
O5 GAL D . -6.34 -28.99 -14.85
O6 GAL D . -8.73 -29.03 -15.62
O4 BGC E . 33.66 5.24 -5.10
C1 GAL E . 33.32 6.53 -5.47
C2 GAL E . 32.11 6.51 -6.40
C3 GAL E . 31.73 7.94 -6.75
C4 GAL E . 31.41 8.67 -5.46
C5 GAL E . 32.63 8.64 -4.55
C6 GAL E . 32.38 9.33 -3.22
O2 GAL E . 32.43 5.80 -7.58
O3 GAL E . 30.60 7.94 -7.61
O4 GAL E . 30.31 8.04 -4.81
O5 GAL E . 33.00 7.27 -4.26
O6 GAL E . 33.27 8.85 -2.22
O4 BGC F . 21.24 28.34 2.82
C1 GAL F . 20.05 27.62 2.84
C2 GAL F . 19.75 27.07 1.45
C3 GAL F . 18.48 26.24 1.50
C4 GAL F . 18.67 25.12 2.50
C5 GAL F . 19.00 25.71 3.87
C6 GAL F . 19.25 24.65 4.92
O2 GAL F . 19.59 28.15 0.53
O3 GAL F . 18.19 25.72 0.21
O4 GAL F . 19.75 24.28 2.06
O5 GAL F . 20.20 26.53 3.78
O6 GAL F . 20.61 24.26 4.94
#